data_9LUP
#
_entry.id   9LUP
#
_cell.length_a   1.00
_cell.length_b   1.00
_cell.length_c   1.00
_cell.angle_alpha   90.00
_cell.angle_beta   90.00
_cell.angle_gamma   90.00
#
_symmetry.space_group_name_H-M   'P 1'
#
loop_
_entity.id
_entity.type
_entity.pdbx_description
1 polymer 'DELLA protein RGA'
2 polymer 'Gibberellin receptor GID1A'
3 polymer 'F-box protein GID2'
4 polymer 'SKP1-like protein 1B'
5 non-polymer 'GIBBERELLIN A3'
#
loop_
_entity_poly.entity_id
_entity_poly.type
_entity_poly.pdbx_seq_one_letter_code
_entity_poly.pdbx_strand_id
1 'polypeptide(L)'
;GSKRDHHQFQGRLSNHGTSSSSSSISKDKMMMVKKEEDGGGNMDDELLAVLGYKVRSSEMAEVALKLEQLETMMSNVQED
GLSHLATDTVHYNPSELYSWLDNMLSELNPPPLPASSNGLDPVLPSPEICGFPASDYDLKVIPGNAIYQFPAIDSSSSSN
NQNKRLKSCSSPDSMVTSTSTGTQIGGVIGTTVTTTTTTTTAAGESTRSVILVDSQENGVRLVHALMACAEAIQQNNLTL
AEALVKQIGCLAVSQAGAMRKVATYFAEALARRIYRLSPPQNQIDHCLSDTLQMHFYETCPYLKFAHFTANQAILEAFEG
KKRVHVIDFSMNQGLQWPALMQALALREGGPPTFRLTGIGPPAPDNSDHLHEVGCKLAQLAEAIHVEFEYRGFVANSLAD
LDASMLELRPSDTEAVAVNSVFELHKLLGRPGGIEKVLGVVKQIKPVIFTVVEQESNHNGPVFLDRFTESLHYYSTLFDS
LEGVPNSQDKVMSEVYLGKQICNLVACEGPDRVERHETLSQWGNRFGSSGLAPAHLGSNAFKQASMLLSVFNSGQGYRVE
ESNGCLMLGWHTRPLITTSAWKLSTAAY
;
A
2 'polypeptide(L)'
;GSMAASDEVNLIESRTVVPLNTWVLISNFKVAYNILRRPDGTFNRHLAEYLDRKVTANANPVDGVFSFDVLIDRRINLLS
RVYRPAYADQEQPPSILDLEKPVDGDIVPVILFFHGGSFAHSSANSAIYDTLCRRLVGLCKCVVVSVNYRRAPENPYPCA
YDDGWIALNWVNSRSWLKSKKDSKVHIFLAGDSSGGNIAHNVALRAGESGIDVLGNILLNPMFGGNERTESEKSLDGKYF
VTVRDRDWYWKAFLPEGEDREHPACNPFSPRGKSLEGVSFPKSLVVVAGLDLIRDWQLAYAEGLKKAGQEVKLMHLEKAT
VGFYLLPNNNHFHNVMDEISAFVNAEC
;
B
3 'polypeptide(L)'
;GSMKRSTTDSDLAGDAHNETNKKMKSTEEEEIGFSNLDENLVYEVLKHVDAKTLAMSSCVSKIWHKTAQDERLWELICTR
HWTNIGCGQNQLRSVVLALGGFRRLHSLYLWPLSKPNPRARFGKDELKLTLSLLSIRYYEKMSFTKRPLPESK
;
C
4 'polypeptide(L)'
;GSMSTVRKITLKSSDGENFEIDEAVALESQTIKHMIEDDCTDNGIPLPNVTSKILSKVIEYCKRHVEAAEKSETTADAAA
ATTTTTVASGSSDEDLKTWDSEFIKVDQGTLFDLILAANYLNIKGLLDLTCQTVADMIKGKTPEEIRKTFNIKNDFTPEE
EEEVRRENQWAFE
;
D
#
loop_
_chem_comp.id
_chem_comp.type
_chem_comp.name
_chem_comp.formula
GA3 non-polymer 'GIBBERELLIN A3' 'C19 H22 O6'
#
# COMPACT_ATOMS: atom_id res chain seq x y z
N MET A 43 -18.12 -28.11 -8.73
CA MET A 43 -18.79 -26.83 -8.92
C MET A 43 -18.75 -26.01 -7.64
N ASP A 44 -18.56 -24.70 -7.78
CA ASP A 44 -18.44 -23.82 -6.64
C ASP A 44 -19.80 -23.54 -6.01
N ASP A 45 -19.78 -22.84 -4.89
CA ASP A 45 -20.98 -22.36 -4.23
C ASP A 45 -21.34 -20.99 -4.80
N GLU A 46 -22.48 -20.92 -5.50
CA GLU A 46 -22.82 -19.70 -6.22
C GLU A 46 -22.99 -18.52 -5.28
N LEU A 47 -23.67 -18.73 -4.15
CA LEU A 47 -23.92 -17.63 -3.21
C LEU A 47 -22.62 -17.10 -2.63
N LEU A 48 -21.59 -17.93 -2.51
CA LEU A 48 -20.28 -17.49 -2.05
C LEU A 48 -19.37 -17.05 -3.19
N ALA A 49 -19.49 -17.69 -4.36
CA ALA A 49 -18.71 -17.27 -5.52
C ALA A 49 -19.06 -15.86 -5.94
N VAL A 50 -20.32 -15.45 -5.76
CA VAL A 50 -20.69 -14.06 -6.00
C VAL A 50 -19.92 -13.14 -5.06
N LEU A 51 -19.61 -13.62 -3.85
CA LEU A 51 -18.94 -12.82 -2.83
C LEU A 51 -17.41 -12.87 -2.94
N GLY A 52 -16.87 -13.59 -3.91
CA GLY A 52 -15.45 -13.60 -4.16
C GLY A 52 -14.67 -14.77 -3.60
N TYR A 53 -15.33 -15.87 -3.27
CA TYR A 53 -14.65 -17.02 -2.68
C TYR A 53 -14.98 -18.28 -3.47
N LYS A 54 -13.94 -19.01 -3.85
CA LYS A 54 -14.08 -20.25 -4.62
C LYS A 54 -13.99 -21.42 -3.66
N VAL A 55 -15.15 -21.90 -3.22
CA VAL A 55 -15.26 -23.06 -2.34
C VAL A 55 -16.15 -24.08 -3.04
N ARG A 56 -15.69 -25.33 -3.11
CA ARG A 56 -16.51 -26.38 -3.66
C ARG A 56 -17.75 -26.60 -2.80
N SER A 57 -18.83 -27.05 -3.42
CA SER A 57 -20.03 -27.35 -2.67
C SER A 57 -19.86 -28.59 -1.80
N SER A 58 -19.05 -29.55 -2.25
CA SER A 58 -18.80 -30.77 -1.49
C SER A 58 -17.66 -30.63 -0.50
N GLU A 59 -17.01 -29.46 -0.45
CA GLU A 59 -15.94 -29.19 0.51
C GLU A 59 -16.35 -28.30 1.65
N MET A 60 -17.66 -28.05 1.84
CA MET A 60 -18.11 -27.16 2.91
C MET A 60 -17.79 -27.74 4.28
N ALA A 61 -18.05 -29.03 4.47
CA ALA A 61 -17.82 -29.65 5.76
C ALA A 61 -16.34 -29.63 6.13
N GLU A 62 -15.48 -29.93 5.17
CA GLU A 62 -14.04 -29.91 5.42
C GLU A 62 -13.55 -28.52 5.80
N VAL A 63 -14.04 -27.50 5.09
CA VAL A 63 -13.63 -26.12 5.38
C VAL A 63 -14.10 -25.72 6.77
N ALA A 64 -15.33 -26.09 7.13
CA ALA A 64 -15.84 -25.76 8.46
C ALA A 64 -15.03 -26.47 9.55
N LEU A 65 -14.68 -27.74 9.32
CA LEU A 65 -13.87 -28.48 10.29
C LEU A 65 -12.49 -27.84 10.46
N LYS A 66 -11.88 -27.43 9.35
CA LYS A 66 -10.59 -26.75 9.44
C LYS A 66 -10.71 -25.40 10.14
N LEU A 67 -11.83 -24.72 9.96
CA LEU A 67 -12.04 -23.47 10.68
C LEU A 67 -12.17 -23.70 12.18
N GLU A 68 -12.84 -24.79 12.57
CA GLU A 68 -12.89 -25.17 13.98
C GLU A 68 -11.50 -25.46 14.54
N GLN A 69 -10.72 -26.25 13.80
CA GLN A 69 -9.38 -26.61 14.24
C GLN A 69 -8.51 -25.37 14.37
N LEU A 70 -8.62 -24.46 13.40
CA LEU A 70 -7.86 -23.22 13.44
C LEU A 70 -8.27 -22.39 14.65
N GLU A 71 -9.57 -22.31 14.93
CA GLU A 71 -10.03 -21.53 16.08
C GLU A 71 -9.44 -22.08 17.36
N THR A 72 -9.47 -23.41 17.53
CA THR A 72 -8.87 -24.01 18.72
C THR A 72 -7.37 -23.70 18.80
N MET A 73 -6.65 -23.85 17.68
CA MET A 73 -5.21 -23.62 17.70
C MET A 73 -4.87 -22.19 18.10
N MET A 74 -5.53 -21.19 17.49
CA MET A 74 -5.26 -19.83 17.91
C MET A 74 -5.74 -19.55 19.33
N SER A 75 -6.71 -20.33 19.84
CA SER A 75 -7.04 -20.22 21.25
C SER A 75 -5.90 -20.71 22.14
N ASN A 76 -5.18 -21.75 21.70
CA ASN A 76 -4.05 -22.29 22.46
C ASN A 76 -2.78 -21.46 22.28
N VAL A 77 -2.30 -21.34 21.03
CA VAL A 77 -1.00 -20.74 20.78
C VAL A 77 -0.97 -19.27 21.14
N GLN A 78 -2.09 -18.56 20.94
CA GLN A 78 -2.28 -17.19 21.41
C GLN A 78 -1.41 -16.16 20.68
N GLU A 79 -1.03 -15.09 21.38
CA GLU A 79 -0.52 -13.89 20.75
C GLU A 79 0.76 -14.13 19.95
N ASP A 80 1.69 -14.92 20.49
CA ASP A 80 2.94 -15.15 19.78
C ASP A 80 2.71 -15.90 18.48
N GLY A 81 1.85 -16.93 18.53
CA GLY A 81 1.53 -17.66 17.31
C GLY A 81 0.80 -16.79 16.29
N LEU A 82 -0.10 -15.93 16.76
CA LEU A 82 -0.79 -15.03 15.84
C LEU A 82 0.17 -14.05 15.20
N SER A 83 1.13 -13.52 15.97
CA SER A 83 2.14 -12.63 15.40
C SER A 83 2.99 -13.36 14.36
N HIS A 84 3.33 -14.62 14.65
CA HIS A 84 4.04 -15.43 13.66
C HIS A 84 3.22 -15.57 12.38
N LEU A 85 1.94 -15.89 12.52
CA LEU A 85 1.05 -16.04 11.36
C LEU A 85 0.91 -14.75 10.58
N ALA A 86 0.98 -13.60 11.24
CA ALA A 86 0.84 -12.32 10.57
C ALA A 86 2.11 -11.89 9.84
N THR A 87 3.27 -11.90 10.51
CA THR A 87 4.45 -11.27 9.96
C THR A 87 5.46 -12.23 9.35
N ASP A 88 5.42 -13.51 9.70
CA ASP A 88 6.40 -14.47 9.20
C ASP A 88 5.83 -15.37 8.10
N THR A 89 4.63 -15.08 7.61
CA THR A 89 3.96 -15.92 6.64
C THR A 89 3.72 -15.14 5.35
N VAL A 90 3.83 -15.84 4.22
CA VAL A 90 3.45 -15.33 2.92
C VAL A 90 2.19 -16.07 2.49
N HIS A 91 1.13 -15.31 2.17
CA HIS A 91 -0.15 -15.89 1.83
C HIS A 91 -0.37 -15.84 0.33
N TYR A 92 -0.94 -16.91 -0.22
CA TYR A 92 -1.18 -17.04 -1.64
C TYR A 92 -2.66 -17.32 -1.90
N ASN A 93 -3.25 -16.60 -2.85
CA ASN A 93 -4.58 -16.88 -3.37
C ASN A 93 -5.62 -16.96 -2.25
N PRO A 94 -6.01 -15.82 -1.67
CA PRO A 94 -6.97 -15.87 -0.55
C PRO A 94 -8.32 -16.45 -0.92
N SER A 95 -8.70 -16.40 -2.20
CA SER A 95 -10.02 -16.89 -2.60
C SER A 95 -10.16 -18.38 -2.33
N GLU A 96 -9.13 -19.16 -2.60
CA GLU A 96 -9.17 -20.60 -2.34
C GLU A 96 -9.08 -20.81 -0.83
N LEU A 97 -10.23 -21.02 -0.18
CA LEU A 97 -10.25 -21.14 1.27
C LEU A 97 -9.59 -22.43 1.73
N TYR A 98 -9.75 -23.52 0.97
CA TYR A 98 -9.14 -24.79 1.34
C TYR A 98 -7.63 -24.65 1.50
N SER A 99 -6.97 -24.07 0.50
CA SER A 99 -5.51 -23.97 0.52
C SER A 99 -5.03 -22.97 1.56
N TRP A 100 -5.74 -21.85 1.72
CA TRP A 100 -5.37 -20.88 2.73
C TRP A 100 -5.45 -21.47 4.13
N LEU A 101 -6.54 -22.18 4.42
CA LEU A 101 -6.68 -22.81 5.73
C LEU A 101 -5.66 -23.92 5.93
N ASP A 102 -5.36 -24.69 4.87
CA ASP A 102 -4.33 -25.73 4.98
C ASP A 102 -2.98 -25.11 5.29
N ASN A 103 -2.65 -23.99 4.66
CA ASN A 103 -1.39 -23.30 4.94
C ASN A 103 -1.33 -22.84 6.38
N MET A 104 -2.42 -22.22 6.86
CA MET A 104 -2.44 -21.73 8.24
C MET A 104 -2.29 -22.87 9.23
N LEU A 105 -2.99 -23.98 9.00
CA LEU A 105 -2.90 -25.12 9.90
C LEU A 105 -1.52 -25.75 9.87
N SER A 106 -0.92 -25.89 8.69
CA SER A 106 0.41 -26.49 8.58
C SER A 106 1.49 -25.60 9.17
N GLU A 107 1.29 -24.28 9.18
CA GLU A 107 2.28 -23.41 9.81
C GLU A 107 2.09 -23.29 11.31
N LEU A 108 0.85 -23.30 11.80
CA LEU A 108 0.63 -23.19 13.24
C LEU A 108 0.94 -24.48 13.99
N ASN A 109 1.10 -25.59 13.28
CA ASN A 109 1.44 -26.85 13.92
C ASN A 109 2.86 -26.82 14.47
N SER A 206 -17.44 -8.94 -21.55
CA SER A 206 -16.77 -7.65 -21.64
C SER A 206 -17.19 -6.72 -20.50
N THR A 207 -16.20 -6.22 -19.77
CA THR A 207 -16.42 -5.32 -18.65
C THR A 207 -15.85 -3.95 -18.98
N ARG A 208 -16.62 -2.90 -18.67
CA ARG A 208 -16.22 -1.52 -18.97
C ARG A 208 -16.14 -0.73 -17.68
N SER A 209 -14.94 -0.59 -17.14
CA SER A 209 -14.72 0.17 -15.91
C SER A 209 -14.48 1.63 -16.24
N VAL A 210 -15.27 2.51 -15.65
CA VAL A 210 -15.24 3.93 -15.94
C VAL A 210 -15.23 4.70 -14.62
N ILE A 211 -14.39 5.72 -14.54
CA ILE A 211 -14.35 6.62 -13.39
C ILE A 211 -14.50 8.05 -13.90
N LEU A 212 -15.50 8.76 -13.38
CA LEU A 212 -15.80 10.13 -13.78
C LEU A 212 -15.14 11.10 -12.80
N VAL A 213 -14.26 11.94 -13.30
CA VAL A 213 -13.68 12.99 -12.49
C VAL A 213 -14.43 14.28 -12.76
N ASP A 214 -14.33 15.23 -11.83
CA ASP A 214 -15.02 16.50 -11.98
C ASP A 214 -14.57 17.20 -13.26
N SER A 215 -15.53 17.69 -14.03
CA SER A 215 -15.25 18.34 -15.30
C SER A 215 -16.32 19.38 -15.56
N GLN A 216 -16.42 19.85 -16.80
CA GLN A 216 -17.42 20.80 -17.21
C GLN A 216 -18.20 20.24 -18.39
N GLU A 217 -19.27 20.95 -18.77
CA GLU A 217 -20.05 20.54 -19.93
C GLU A 217 -19.24 20.67 -21.21
N ASN A 218 -18.22 21.54 -21.22
CA ASN A 218 -17.35 21.64 -22.38
C ASN A 218 -16.63 20.33 -22.64
N GLY A 219 -16.39 19.54 -21.59
CA GLY A 219 -15.89 18.19 -21.80
C GLY A 219 -16.86 17.33 -22.56
N VAL A 220 -18.16 17.45 -22.24
CA VAL A 220 -19.18 16.71 -22.97
C VAL A 220 -19.25 17.20 -24.42
N ARG A 221 -19.15 18.51 -24.63
CA ARG A 221 -19.11 19.04 -25.98
C ARG A 221 -17.88 18.54 -26.73
N LEU A 222 -16.74 18.47 -26.04
CA LEU A 222 -15.53 17.93 -26.66
C LEU A 222 -15.70 16.45 -26.98
N VAL A 223 -16.26 15.67 -26.06
CA VAL A 223 -16.47 14.25 -26.32
C VAL A 223 -17.52 14.06 -27.42
N HIS A 224 -18.53 14.92 -27.43
CA HIS A 224 -19.50 14.88 -28.52
C HIS A 224 -18.85 15.19 -29.86
N ALA A 225 -17.96 16.18 -29.90
CA ALA A 225 -17.24 16.50 -31.12
C ALA A 225 -16.29 15.37 -31.50
N LEU A 226 -15.58 14.81 -30.51
CA LEU A 226 -14.67 13.71 -30.79
C LEU A 226 -15.41 12.47 -31.28
N MET A 227 -16.54 12.15 -30.66
CA MET A 227 -17.35 11.02 -31.13
C MET A 227 -18.05 11.34 -32.44
N ALA A 228 -18.20 12.62 -32.79
CA ALA A 228 -18.81 12.97 -34.07
C ALA A 228 -17.84 12.72 -35.22
N CYS A 229 -16.57 13.06 -35.04
CA CYS A 229 -15.59 12.88 -36.11
C CYS A 229 -15.25 11.41 -36.32
N ALA A 230 -15.18 10.63 -35.25
CA ALA A 230 -14.85 9.21 -35.39
C ALA A 230 -15.94 8.46 -36.15
N GLU A 231 -17.21 8.81 -35.92
CA GLU A 231 -18.28 8.18 -36.69
C GLU A 231 -18.34 8.73 -38.11
N ALA A 232 -18.10 10.03 -38.28
CA ALA A 232 -18.09 10.61 -39.62
C ALA A 232 -16.96 10.07 -40.46
N ILE A 233 -15.76 9.95 -39.88
CA ILE A 233 -14.64 9.35 -40.62
C ILE A 233 -14.88 7.87 -40.87
N GLN A 234 -15.69 7.22 -40.04
CA GLN A 234 -16.04 5.81 -40.27
C GLN A 234 -17.17 5.65 -41.26
N GLN A 235 -18.02 6.67 -41.42
CA GLN A 235 -19.11 6.64 -42.39
C GLN A 235 -18.63 6.93 -43.81
N ASN A 236 -17.32 6.99 -44.03
CA ASN A 236 -16.73 7.39 -45.30
C ASN A 236 -17.18 8.78 -45.73
N ASN A 237 -17.58 9.62 -44.78
CA ASN A 237 -17.99 10.98 -45.10
C ASN A 237 -16.82 11.76 -45.69
N LEU A 238 -15.75 11.93 -44.92
CA LEU A 238 -14.52 12.60 -45.33
C LEU A 238 -14.74 14.03 -45.78
N THR A 239 -15.94 14.56 -45.58
CA THR A 239 -16.25 15.96 -45.80
C THR A 239 -16.68 16.67 -44.53
N LEU A 240 -17.52 16.03 -43.72
CA LEU A 240 -17.82 16.55 -42.39
C LEU A 240 -16.66 16.33 -41.43
N ALA A 241 -15.81 15.34 -41.68
CA ALA A 241 -14.68 15.06 -40.80
C ALA A 241 -13.71 16.24 -40.76
N GLU A 242 -13.44 16.85 -41.93
CA GLU A 242 -12.54 17.99 -41.97
C GLU A 242 -13.07 19.15 -41.13
N ALA A 243 -14.38 19.43 -41.24
CA ALA A 243 -14.99 20.46 -40.40
C ALA A 243 -15.03 20.02 -38.94
N LEU A 244 -15.37 18.75 -38.69
CA LEU A 244 -15.43 18.26 -37.31
C LEU A 244 -14.06 18.28 -36.64
N VAL A 245 -13.02 17.90 -37.38
CA VAL A 245 -11.66 17.97 -36.84
C VAL A 245 -11.31 19.42 -36.52
N LYS A 246 -11.65 20.34 -37.42
CA LYS A 246 -11.49 21.76 -37.12
C LYS A 246 -12.36 22.19 -35.95
N GLN A 247 -13.54 21.57 -35.80
CA GLN A 247 -14.41 21.92 -34.68
C GLN A 247 -13.80 21.51 -33.34
N ILE A 248 -13.13 20.36 -33.30
CA ILE A 248 -12.50 19.91 -32.07
C ILE A 248 -11.39 20.87 -31.66
N GLY A 249 -10.65 21.41 -32.64
CA GLY A 249 -9.58 22.33 -32.32
C GLY A 249 -10.08 23.60 -31.65
N CYS A 250 -11.21 24.14 -32.11
CA CYS A 250 -11.75 25.36 -31.52
C CYS A 250 -12.29 25.12 -30.12
N LEU A 251 -12.75 23.90 -29.83
CA LEU A 251 -13.24 23.60 -28.49
C LEU A 251 -12.10 23.41 -27.49
N ALA A 252 -10.97 22.85 -27.94
CA ALA A 252 -9.90 22.48 -27.02
C ALA A 252 -9.30 23.70 -26.34
N VAL A 253 -9.14 24.81 -27.08
CA VAL A 253 -8.49 25.99 -26.51
C VAL A 253 -9.31 26.53 -25.33
N SER A 254 -10.63 26.59 -25.48
CA SER A 254 -11.49 27.01 -24.37
C SER A 254 -11.41 26.03 -23.21
N GLN A 255 -11.37 24.74 -23.51
CA GLN A 255 -11.27 23.71 -22.49
C GLN A 255 -9.96 23.84 -21.72
N ALA A 256 -10.02 23.56 -20.42
CA ALA A 256 -8.86 23.60 -19.55
C ALA A 256 -8.78 22.31 -18.74
N GLY A 257 -7.57 21.88 -18.45
CA GLY A 257 -7.33 20.68 -17.67
C GLY A 257 -6.65 19.59 -18.49
N ALA A 258 -6.88 18.35 -18.05
CA ALA A 258 -6.31 17.20 -18.75
C ALA A 258 -7.07 16.88 -20.03
N MET A 259 -8.33 17.32 -20.16
CA MET A 259 -9.09 17.03 -21.36
C MET A 259 -8.56 17.80 -22.56
N ARG A 260 -7.93 18.94 -22.34
CA ARG A 260 -7.32 19.69 -23.44
C ARG A 260 -6.19 18.90 -24.07
N LYS A 261 -5.39 18.20 -23.26
CA LYS A 261 -4.29 17.41 -23.79
C LYS A 261 -4.78 16.19 -24.55
N VAL A 262 -5.80 15.50 -24.02
CA VAL A 262 -6.32 14.31 -24.69
C VAL A 262 -7.02 14.69 -26.00
N ALA A 263 -7.72 15.82 -26.01
CA ALA A 263 -8.39 16.27 -27.24
C ALA A 263 -7.37 16.66 -28.30
N THR A 264 -6.29 17.32 -27.91
CA THR A 264 -5.26 17.72 -28.87
C THR A 264 -4.59 16.53 -29.52
N TYR A 265 -4.31 15.49 -28.74
CA TYR A 265 -3.61 14.32 -29.28
C TYR A 265 -4.53 13.41 -30.08
N PHE A 266 -5.82 13.34 -29.73
CA PHE A 266 -6.75 12.52 -30.51
C PHE A 266 -7.15 13.21 -31.81
N ALA A 267 -7.28 14.54 -31.81
CA ALA A 267 -7.57 15.24 -33.05
C ALA A 267 -6.43 15.09 -34.05
N GLU A 268 -5.19 15.21 -33.58
CA GLU A 268 -4.04 15.09 -34.48
C GLU A 268 -3.97 13.72 -35.12
N ALA A 269 -4.25 12.66 -34.33
CA ALA A 269 -4.33 11.32 -34.91
C ALA A 269 -5.57 11.15 -35.76
N LEU A 270 -6.63 11.91 -35.47
CA LEU A 270 -7.81 11.93 -36.33
C LEU A 270 -7.58 12.78 -37.57
N ALA A 271 -6.77 13.83 -37.46
CA ALA A 271 -6.52 14.70 -38.60
C ALA A 271 -5.79 13.96 -39.71
N ARG A 272 -4.70 13.28 -39.38
CA ARG A 272 -3.91 12.63 -40.40
C ARG A 272 -4.28 11.16 -40.58
N ARG A 273 -5.34 10.69 -39.93
CA ARG A 273 -6.00 9.50 -40.45
C ARG A 273 -6.86 9.85 -41.66
N ILE A 274 -7.46 11.05 -41.65
CA ILE A 274 -8.27 11.50 -42.78
C ILE A 274 -7.44 11.51 -44.06
N TYR A 275 -6.23 12.05 -43.98
CA TYR A 275 -5.36 12.16 -45.14
C TYR A 275 -4.71 10.84 -45.54
N ARG A 276 -4.85 9.79 -44.74
CA ARG A 276 -4.30 8.49 -45.08
C ARG A 276 -5.26 7.62 -45.88
N LEU A 277 -6.56 7.95 -45.91
CA LEU A 277 -7.47 7.39 -46.90
C LEU A 277 -7.80 8.36 -48.03
N SER A 278 -7.19 9.55 -48.04
CA SER A 278 -7.46 10.54 -49.06
C SER A 278 -6.21 11.35 -49.39
N LEU A 288 16.26 10.36 -28.99
CA LEU A 288 14.98 10.80 -28.44
C LEU A 288 14.19 9.64 -27.85
N SER A 289 14.17 8.52 -28.58
CA SER A 289 13.41 7.35 -28.11
C SER A 289 13.99 6.80 -26.81
N ASP A 290 15.31 6.69 -26.72
CA ASP A 290 15.92 6.16 -25.50
C ASP A 290 15.62 7.06 -24.30
N THR A 291 15.65 8.37 -24.50
CA THR A 291 15.33 9.30 -23.43
C THR A 291 13.83 9.37 -23.15
N LEU A 292 12.98 9.01 -24.11
CA LEU A 292 11.54 9.05 -23.87
C LEU A 292 11.11 7.93 -22.91
N GLN A 293 11.60 6.72 -23.11
CA GLN A 293 11.33 5.66 -22.13
C GLN A 293 12.06 5.90 -20.81
N MET A 294 13.17 6.63 -20.83
CA MET A 294 13.80 7.03 -19.57
C MET A 294 12.93 8.01 -18.80
N HIS A 295 12.38 9.03 -19.48
CA HIS A 295 11.52 9.99 -18.80
C HIS A 295 10.27 9.34 -18.21
N PHE A 296 9.87 8.18 -18.72
CA PHE A 296 8.74 7.44 -18.19
C PHE A 296 9.05 6.73 -16.88
N TYR A 297 10.32 6.71 -16.44
CA TYR A 297 10.71 5.98 -15.24
C TYR A 297 10.54 6.82 -13.98
N GLU A 298 11.05 8.05 -13.96
CA GLU A 298 11.03 8.86 -12.75
C GLU A 298 9.74 9.65 -12.57
N THR A 299 8.79 9.54 -13.50
CA THR A 299 7.52 10.24 -13.41
C THR A 299 6.35 9.31 -13.20
N CYS A 300 6.28 8.24 -13.95
CA CYS A 300 5.17 7.32 -13.80
C CYS A 300 5.62 6.07 -13.03
N PRO A 301 4.72 5.46 -12.26
CA PRO A 301 5.08 4.30 -11.44
C PRO A 301 4.86 2.94 -12.10
N TYR A 302 4.55 2.89 -13.40
CA TYR A 302 4.24 1.62 -14.03
C TYR A 302 5.49 0.78 -14.30
N LEU A 303 6.61 1.42 -14.59
CA LEU A 303 7.84 0.68 -14.88
C LEU A 303 8.46 0.11 -13.60
N LYS A 304 8.48 0.89 -12.52
CA LYS A 304 9.02 0.40 -11.26
C LYS A 304 8.14 -0.70 -10.67
N PHE A 305 6.82 -0.56 -10.79
CA PHE A 305 5.91 -1.62 -10.37
C PHE A 305 6.16 -2.90 -11.15
N ALA A 306 6.39 -2.79 -12.45
CA ALA A 306 6.61 -3.96 -13.29
C ALA A 306 7.90 -4.68 -12.94
N HIS A 307 8.95 -3.92 -12.62
CA HIS A 307 10.24 -4.53 -12.35
C HIS A 307 10.26 -5.24 -11.00
N PHE A 308 9.88 -4.53 -9.93
CA PHE A 308 9.97 -5.10 -8.60
C PHE A 308 9.04 -6.28 -8.42
N THR A 309 7.82 -6.19 -8.96
CA THR A 309 6.86 -7.28 -8.79
C THR A 309 7.25 -8.52 -9.57
N ALA A 310 7.90 -8.35 -10.72
CA ALA A 310 8.40 -9.49 -11.47
C ALA A 310 9.66 -10.08 -10.85
N ASN A 311 10.47 -9.25 -10.21
CA ASN A 311 11.69 -9.72 -9.57
C ASN A 311 11.38 -10.69 -8.43
N GLN A 312 10.34 -10.39 -7.64
CA GLN A 312 9.98 -11.24 -6.52
C GLN A 312 9.55 -12.63 -7.00
N ALA A 313 8.80 -12.70 -8.09
CA ALA A 313 8.39 -14.00 -8.62
C ALA A 313 9.59 -14.78 -9.14
N ILE A 314 10.55 -14.11 -9.77
CA ILE A 314 11.75 -14.78 -10.24
C ILE A 314 12.63 -15.20 -9.06
N LEU A 315 12.76 -14.32 -8.07
CA LEU A 315 13.58 -14.62 -6.90
C LEU A 315 13.07 -15.85 -6.15
N GLU A 316 11.75 -15.95 -6.00
CA GLU A 316 11.17 -17.09 -5.28
C GLU A 316 11.38 -18.40 -6.02
N ALA A 317 11.37 -18.38 -7.35
CA ALA A 317 11.52 -19.60 -8.12
C ALA A 317 12.98 -20.04 -8.27
N PHE A 318 13.93 -19.17 -7.92
CA PHE A 318 15.35 -19.46 -8.05
C PHE A 318 15.95 -20.07 -6.79
N GLU A 319 15.18 -20.21 -5.72
CA GLU A 319 15.71 -20.72 -4.46
C GLU A 319 15.95 -22.22 -4.56
N GLY A 320 17.17 -22.65 -4.20
CA GLY A 320 17.57 -24.03 -4.31
C GLY A 320 18.38 -24.36 -5.54
N LYS A 321 18.76 -23.38 -6.35
CA LYS A 321 19.48 -23.59 -7.59
C LYS A 321 20.87 -22.97 -7.51
N LYS A 322 21.82 -23.62 -8.19
CA LYS A 322 23.21 -23.17 -8.18
C LYS A 322 23.62 -22.43 -9.44
N ARG A 323 22.95 -22.66 -10.57
CA ARG A 323 23.21 -21.95 -11.81
C ARG A 323 21.89 -21.46 -12.38
N VAL A 324 21.82 -20.19 -12.74
CA VAL A 324 20.59 -19.57 -13.22
C VAL A 324 20.87 -18.84 -14.54
N HIS A 325 19.79 -18.65 -15.31
CA HIS A 325 19.87 -17.98 -16.60
C HIS A 325 18.54 -17.29 -16.87
N VAL A 326 18.56 -15.99 -17.07
CA VAL A 326 17.36 -15.23 -17.36
C VAL A 326 17.48 -14.59 -18.74
N ILE A 327 16.37 -14.63 -19.49
CA ILE A 327 16.31 -14.07 -20.84
C ILE A 327 15.30 -12.93 -20.82
N ASP A 328 15.76 -11.72 -21.14
CA ASP A 328 14.93 -10.52 -21.08
C ASP A 328 14.47 -10.18 -22.50
N PHE A 329 13.19 -10.43 -22.79
CA PHE A 329 12.59 -10.01 -24.04
C PHE A 329 12.49 -8.49 -24.13
N SER A 330 12.51 -7.79 -23.00
CA SER A 330 12.41 -6.34 -22.96
C SER A 330 13.66 -5.72 -22.35
N MET A 331 14.83 -6.15 -22.81
CA MET A 331 16.09 -5.76 -22.17
C MET A 331 16.19 -4.25 -22.00
N ASN A 332 15.79 -3.50 -23.02
CA ASN A 332 15.81 -2.04 -22.97
C ASN A 332 17.19 -1.54 -22.54
N GLN A 333 17.29 -1.05 -21.30
CA GLN A 333 18.57 -0.63 -20.75
C GLN A 333 18.89 -1.32 -19.42
N GLY A 334 18.28 -2.48 -19.16
CA GLY A 334 18.63 -3.29 -18.02
C GLY A 334 18.44 -2.63 -16.68
N LEU A 335 17.27 -2.02 -16.45
CA LEU A 335 16.94 -1.41 -15.18
C LEU A 335 16.24 -2.35 -14.23
N GLN A 336 15.90 -3.57 -14.66
CA GLN A 336 15.23 -4.51 -13.77
C GLN A 336 16.24 -5.38 -13.02
N TRP A 337 17.36 -5.70 -13.65
CA TRP A 337 18.33 -6.69 -13.23
C TRP A 337 19.29 -6.25 -12.11
N PRO A 338 19.73 -4.99 -12.04
CA PRO A 338 20.56 -4.58 -10.90
C PRO A 338 19.93 -4.88 -9.55
N ALA A 339 18.62 -4.76 -9.44
CA ALA A 339 17.93 -5.04 -8.19
C ALA A 339 17.81 -6.54 -7.92
N LEU A 340 17.75 -7.36 -8.96
CA LEU A 340 17.72 -8.81 -8.76
C LEU A 340 19.08 -9.38 -8.41
N MET A 341 20.16 -8.79 -8.95
CA MET A 341 21.49 -9.31 -8.67
C MET A 341 21.86 -9.14 -7.20
N GLN A 342 21.51 -7.99 -6.61
CA GLN A 342 21.79 -7.77 -5.20
C GLN A 342 21.04 -8.73 -4.30
N ALA A 343 19.79 -9.06 -4.63
CA ALA A 343 19.00 -9.98 -3.83
C ALA A 343 19.59 -11.39 -3.83
N LEU A 344 20.21 -11.80 -4.93
CA LEU A 344 20.90 -13.09 -4.95
C LEU A 344 22.21 -13.08 -4.20
N ALA A 345 22.83 -11.90 -4.05
CA ALA A 345 24.06 -11.80 -3.26
C ALA A 345 23.79 -12.06 -1.78
N LEU A 346 22.69 -11.50 -1.26
CA LEU A 346 22.30 -11.68 0.13
C LEU A 346 21.39 -12.88 0.33
N ARG A 347 21.20 -13.70 -0.69
CA ARG A 347 20.44 -14.92 -0.55
C ARG A 347 21.12 -15.86 0.43
N GLU A 348 20.31 -16.50 1.28
CA GLU A 348 20.85 -17.48 2.20
C GLU A 348 21.27 -18.74 1.45
N GLY A 349 22.45 -19.25 1.77
CA GLY A 349 22.98 -20.44 1.14
C GLY A 349 24.03 -20.20 0.08
N GLY A 350 24.16 -18.97 -0.41
CA GLY A 350 25.17 -18.64 -1.39
C GLY A 350 24.59 -18.23 -2.72
N PRO A 351 25.13 -17.16 -3.30
CA PRO A 351 24.65 -16.73 -4.61
C PRO A 351 24.97 -17.76 -5.67
N PRO A 352 24.15 -17.85 -6.72
CA PRO A 352 24.46 -18.75 -7.83
C PRO A 352 25.31 -18.08 -8.90
N THR A 353 25.56 -18.80 -10.00
CA THR A 353 26.21 -18.22 -11.17
C THR A 353 25.13 -17.59 -12.04
N PHE A 354 25.17 -16.26 -12.17
CA PHE A 354 24.12 -15.52 -12.85
C PHE A 354 24.51 -15.27 -14.30
N ARG A 355 23.66 -15.73 -15.22
CA ARG A 355 23.86 -15.54 -16.66
C ARG A 355 22.69 -14.74 -17.23
N LEU A 356 23.01 -13.77 -18.08
CA LEU A 356 22.02 -12.85 -18.63
C LEU A 356 22.11 -12.83 -20.14
N THR A 357 20.95 -12.80 -20.80
CA THR A 357 20.87 -12.71 -22.25
C THR A 357 19.72 -11.79 -22.62
N GLY A 358 20.03 -10.69 -23.31
CA GLY A 358 19.04 -9.70 -23.68
C GLY A 358 18.75 -9.71 -25.17
N ILE A 359 17.54 -9.29 -25.53
CA ILE A 359 17.11 -9.20 -26.91
C ILE A 359 16.53 -7.81 -27.12
N GLY A 360 16.95 -7.14 -28.21
CA GLY A 360 16.55 -5.77 -28.45
C GLY A 360 16.16 -5.51 -29.89
N PRO A 361 15.45 -4.40 -30.11
CA PRO A 361 15.04 -4.07 -31.47
C PRO A 361 16.23 -3.64 -32.30
N PRO A 362 16.17 -3.81 -33.62
CA PRO A 362 17.32 -3.48 -34.47
C PRO A 362 17.54 -1.97 -34.55
N ALA A 363 18.81 -1.60 -34.66
CA ALA A 363 19.25 -0.23 -34.86
C ALA A 363 20.76 -0.24 -35.08
N PRO A 364 21.32 0.77 -35.76
CA PRO A 364 22.79 0.81 -35.90
C PRO A 364 23.51 0.90 -34.58
N ASP A 365 22.90 1.53 -33.57
CA ASP A 365 23.52 1.69 -32.27
C ASP A 365 23.01 0.69 -31.24
N ASN A 366 21.77 0.23 -31.37
CA ASN A 366 21.21 -0.70 -30.38
C ASN A 366 21.85 -2.08 -30.43
N SER A 367 22.51 -2.42 -31.54
CA SER A 367 23.29 -3.65 -31.57
C SER A 367 24.45 -3.58 -30.60
N ASP A 368 25.12 -2.43 -30.53
CA ASP A 368 26.19 -2.20 -29.57
C ASP A 368 25.70 -1.59 -28.27
N HIS A 369 24.51 -0.99 -28.26
CA HIS A 369 23.94 -0.50 -27.01
C HIS A 369 23.65 -1.66 -26.05
N LEU A 370 23.17 -2.79 -26.57
CA LEU A 370 23.01 -3.96 -25.74
C LEU A 370 24.35 -4.50 -25.27
N HIS A 371 25.38 -4.42 -26.12
CA HIS A 371 26.73 -4.73 -25.66
C HIS A 371 27.19 -3.74 -24.59
N GLU A 372 26.84 -2.46 -24.76
CA GLU A 372 27.20 -1.45 -23.77
C GLU A 372 26.52 -1.73 -22.42
N VAL A 373 25.27 -2.17 -22.45
CA VAL A 373 24.53 -2.42 -21.21
C VAL A 373 25.22 -3.51 -20.39
N GLY A 374 25.61 -4.60 -21.06
CA GLY A 374 26.29 -5.69 -20.37
C GLY A 374 27.67 -5.32 -19.87
N CYS A 375 28.28 -4.28 -20.45
CA CYS A 375 29.55 -3.79 -19.92
C CYS A 375 29.36 -3.22 -18.52
N LYS A 376 28.27 -2.48 -18.30
CA LYS A 376 28.01 -1.90 -16.99
C LYS A 376 27.48 -2.91 -15.99
N LEU A 377 26.71 -3.91 -16.45
CA LEU A 377 26.23 -4.94 -15.53
C LEU A 377 27.34 -5.87 -15.09
N ALA A 378 28.36 -6.06 -15.94
CA ALA A 378 29.51 -6.87 -15.54
C ALA A 378 30.35 -6.17 -14.48
N GLN A 379 30.34 -4.84 -14.46
CA GLN A 379 31.04 -4.10 -13.44
C GLN A 379 30.32 -4.15 -12.10
N LEU A 380 28.98 -4.23 -12.12
CA LEU A 380 28.22 -4.36 -10.88
C LEU A 380 28.30 -5.77 -10.30
N ALA A 381 28.30 -6.79 -11.16
CA ALA A 381 28.34 -8.16 -10.69
C ALA A 381 29.65 -8.52 -10.01
N GLU A 382 30.70 -7.72 -10.19
CA GLU A 382 31.97 -7.97 -9.52
C GLU A 382 32.11 -7.18 -8.23
N ALA A 383 31.40 -6.07 -8.09
CA ALA A 383 31.43 -5.31 -6.85
C ALA A 383 30.69 -6.03 -5.72
N ILE A 384 29.82 -6.98 -6.07
CA ILE A 384 29.09 -7.76 -5.08
C ILE A 384 29.47 -9.24 -5.16
N HIS A 385 30.50 -9.58 -5.94
CA HIS A 385 31.04 -10.93 -6.00
C HIS A 385 30.01 -11.94 -6.49
N VAL A 386 29.54 -11.72 -7.72
CA VAL A 386 28.63 -12.63 -8.39
C VAL A 386 29.22 -12.98 -9.76
N GLU A 387 29.25 -14.27 -10.08
CA GLU A 387 29.72 -14.69 -11.39
C GLU A 387 28.72 -14.28 -12.46
N PHE A 388 29.21 -13.66 -13.53
CA PHE A 388 28.36 -13.08 -14.54
C PHE A 388 28.72 -13.57 -15.93
N GLU A 389 27.74 -13.52 -16.83
CA GLU A 389 27.90 -13.88 -18.23
C GLU A 389 26.83 -13.13 -19.02
N TYR A 390 27.16 -12.78 -20.26
CA TYR A 390 26.27 -11.93 -21.05
C TYR A 390 26.39 -12.26 -22.52
N ARG A 391 25.32 -11.96 -23.26
CA ARG A 391 25.28 -12.12 -24.70
C ARG A 391 24.13 -11.30 -25.25
N GLY A 392 24.41 -10.37 -26.16
CA GLY A 392 23.37 -9.54 -26.74
C GLY A 392 22.75 -10.14 -28.00
N PHE A 393 21.61 -9.56 -28.38
CA PHE A 393 20.86 -9.99 -29.54
C PHE A 393 20.37 -8.78 -30.32
N VAL A 394 20.15 -8.98 -31.61
CA VAL A 394 19.47 -8.01 -32.46
C VAL A 394 18.41 -8.75 -33.26
N ALA A 395 17.17 -8.29 -33.18
CA ALA A 395 16.07 -8.94 -33.89
C ALA A 395 14.98 -7.93 -34.18
N ASN A 396 14.44 -7.98 -35.40
CA ASN A 396 13.35 -7.07 -35.78
C ASN A 396 12.11 -7.36 -34.94
N SER A 397 11.78 -8.63 -34.75
CA SER A 397 10.60 -9.02 -33.99
C SER A 397 10.90 -10.32 -33.25
N LEU A 398 10.19 -10.52 -32.14
CA LEU A 398 10.39 -11.72 -31.33
C LEU A 398 9.99 -12.98 -32.10
N ALA A 399 9.22 -12.85 -33.17
CA ALA A 399 8.87 -14.00 -33.99
C ALA A 399 10.05 -14.48 -34.84
N ASP A 400 11.10 -13.67 -34.97
CA ASP A 400 12.30 -14.06 -35.69
C ASP A 400 13.27 -14.88 -34.83
N LEU A 401 12.82 -15.38 -33.68
CA LEU A 401 13.66 -16.12 -32.76
C LEU A 401 13.40 -17.61 -32.87
N ASP A 402 14.38 -18.38 -32.38
CA ASP A 402 14.22 -19.82 -32.22
C ASP A 402 15.07 -20.25 -31.04
N ALA A 403 14.74 -21.44 -30.50
CA ALA A 403 15.43 -21.93 -29.31
C ALA A 403 16.86 -22.36 -29.59
N SER A 404 17.20 -22.62 -30.85
CA SER A 404 18.53 -23.14 -31.17
C SER A 404 19.61 -22.09 -30.96
N MET A 405 19.33 -20.82 -31.21
CA MET A 405 20.35 -19.78 -31.17
C MET A 405 20.43 -19.07 -29.82
N LEU A 406 19.69 -19.53 -28.82
CA LEU A 406 19.81 -18.96 -27.49
C LEU A 406 20.93 -19.59 -26.67
N GLU A 407 21.52 -20.69 -27.15
CA GLU A 407 22.67 -21.34 -26.53
C GLU A 407 22.36 -21.75 -25.09
N LEU A 408 21.42 -22.69 -24.96
CA LEU A 408 20.93 -23.13 -23.67
C LEU A 408 21.59 -24.44 -23.26
N ARG A 409 22.13 -24.45 -22.04
CA ARG A 409 22.61 -25.67 -21.42
C ARG A 409 21.41 -26.49 -20.95
N PRO A 410 21.62 -27.73 -20.51
CA PRO A 410 20.50 -28.51 -19.93
C PRO A 410 19.86 -27.77 -18.77
N SER A 411 18.53 -27.85 -18.71
CA SER A 411 17.78 -27.04 -17.74
C SER A 411 18.09 -27.45 -16.30
N ASP A 412 18.40 -28.73 -16.07
CA ASP A 412 18.80 -29.15 -14.72
C ASP A 412 20.07 -28.46 -14.28
N THR A 413 21.04 -28.30 -15.20
CA THR A 413 22.28 -27.62 -14.86
C THR A 413 22.03 -26.14 -14.60
N GLU A 414 21.34 -25.46 -15.50
CA GLU A 414 21.09 -24.02 -15.40
C GLU A 414 19.59 -23.77 -15.47
N ALA A 415 19.07 -23.06 -14.46
CA ALA A 415 17.65 -22.74 -14.40
C ALA A 415 17.35 -21.54 -15.28
N VAL A 416 16.25 -21.62 -16.04
CA VAL A 416 15.90 -20.60 -17.02
C VAL A 416 14.63 -19.88 -16.57
N ALA A 417 14.63 -18.56 -16.70
CA ALA A 417 13.47 -17.73 -16.39
C ALA A 417 13.31 -16.68 -17.47
N VAL A 418 12.17 -16.71 -18.17
CA VAL A 418 11.88 -15.78 -19.25
C VAL A 418 11.14 -14.57 -18.68
N ASN A 419 11.47 -13.39 -19.20
CA ASN A 419 10.87 -12.14 -18.76
C ASN A 419 10.41 -11.35 -19.97
N SER A 420 9.30 -10.62 -19.81
CA SER A 420 8.76 -9.80 -20.88
C SER A 420 7.86 -8.73 -20.27
N VAL A 421 8.21 -7.47 -20.48
CA VAL A 421 7.47 -6.34 -19.94
C VAL A 421 7.08 -5.42 -21.09
N PHE A 422 5.77 -5.26 -21.32
CA PHE A 422 5.23 -4.35 -22.33
C PHE A 422 5.76 -4.67 -23.72
N GLU A 423 5.76 -5.95 -24.07
CA GLU A 423 6.35 -6.36 -25.34
C GLU A 423 5.43 -7.24 -26.18
N LEU A 424 4.57 -8.02 -25.53
CA LEU A 424 3.75 -8.98 -26.26
C LEU A 424 2.61 -8.32 -27.03
N HIS A 425 2.19 -7.12 -26.64
CA HIS A 425 1.14 -6.44 -27.37
C HIS A 425 1.62 -5.91 -28.72
N LYS A 426 2.92 -5.67 -28.87
CA LYS A 426 3.49 -5.26 -30.14
C LYS A 426 3.60 -6.41 -31.13
N LEU A 427 3.26 -7.63 -30.72
CA LEU A 427 3.36 -8.80 -31.58
C LEU A 427 2.03 -9.20 -32.19
N LEU A 428 0.92 -8.58 -31.79
CA LEU A 428 -0.39 -8.99 -32.29
C LEU A 428 -0.70 -8.39 -33.66
N GLY A 429 0.04 -7.37 -34.09
CA GLY A 429 -0.14 -6.86 -35.43
C GLY A 429 0.27 -7.86 -36.50
N ARG A 430 1.32 -8.63 -36.25
CA ARG A 430 1.77 -9.64 -37.18
C ARG A 430 0.89 -10.88 -37.06
N PRO A 431 0.29 -11.35 -38.15
CA PRO A 431 -0.50 -12.59 -38.07
C PRO A 431 0.35 -13.76 -37.62
N GLY A 432 -0.20 -14.54 -36.70
CA GLY A 432 0.46 -15.74 -36.21
C GLY A 432 1.68 -15.52 -35.35
N GLY A 433 2.00 -14.27 -35.02
CA GLY A 433 3.22 -14.00 -34.26
C GLY A 433 3.17 -14.56 -32.85
N ILE A 434 2.06 -14.36 -32.15
CA ILE A 434 2.00 -14.72 -30.73
C ILE A 434 2.03 -16.23 -30.53
N GLU A 435 1.53 -17.00 -31.51
CA GLU A 435 1.54 -18.45 -31.37
C GLU A 435 2.92 -19.05 -31.57
N LYS A 436 3.76 -18.41 -32.39
CA LYS A 436 5.11 -18.90 -32.60
C LYS A 436 6.01 -18.61 -31.41
N VAL A 437 5.89 -17.42 -30.82
CA VAL A 437 6.71 -17.06 -29.67
C VAL A 437 6.36 -17.92 -28.46
N LEU A 438 5.06 -18.13 -28.23
CA LEU A 438 4.64 -18.96 -27.10
C LEU A 438 4.99 -20.43 -27.30
N GLY A 439 5.24 -20.85 -28.54
CA GLY A 439 5.76 -22.18 -28.77
C GLY A 439 7.26 -22.32 -28.60
N VAL A 440 7.95 -21.18 -28.53
CA VAL A 440 9.39 -21.17 -28.24
C VAL A 440 9.64 -21.15 -26.74
N VAL A 441 8.84 -20.39 -25.99
CA VAL A 441 8.95 -20.37 -24.54
C VAL A 441 8.74 -21.77 -23.97
N LYS A 442 7.78 -22.50 -24.54
CA LYS A 442 7.60 -23.89 -24.14
C LYS A 442 8.82 -24.74 -24.52
N GLN A 443 9.51 -24.38 -25.60
CA GLN A 443 10.72 -25.11 -25.98
C GLN A 443 11.87 -24.82 -25.04
N ILE A 444 11.94 -23.59 -24.51
CA ILE A 444 12.98 -23.24 -23.53
C ILE A 444 12.82 -24.08 -22.27
N LYS A 445 11.57 -24.35 -21.86
CA LYS A 445 11.21 -25.06 -20.64
C LYS A 445 11.69 -24.30 -19.41
N PRO A 446 11.24 -23.08 -19.18
CA PRO A 446 11.72 -22.29 -18.04
C PRO A 446 11.04 -22.75 -16.75
N VAL A 447 11.41 -22.08 -15.66
CA VAL A 447 10.74 -22.30 -14.38
C VAL A 447 9.71 -21.20 -14.09
N ILE A 448 9.80 -20.04 -14.75
CA ILE A 448 8.86 -18.96 -14.56
C ILE A 448 8.87 -18.10 -15.81
N PHE A 449 7.74 -17.46 -16.10
CA PHE A 449 7.61 -16.52 -17.22
C PHE A 449 6.70 -15.39 -16.75
N THR A 450 7.30 -14.25 -16.43
CA THR A 450 6.57 -13.10 -15.91
C THR A 450 6.20 -12.17 -17.05
N VAL A 451 4.93 -11.80 -17.13
CA VAL A 451 4.40 -10.92 -18.17
C VAL A 451 3.75 -9.72 -17.51
N VAL A 452 4.11 -8.52 -17.96
CA VAL A 452 3.49 -7.29 -17.51
C VAL A 452 2.90 -6.60 -18.72
N GLU A 453 1.60 -6.29 -18.66
CA GLU A 453 0.88 -5.72 -19.78
C GLU A 453 -0.01 -4.56 -19.36
N GLN A 454 -0.88 -4.10 -20.25
CA GLN A 454 -1.82 -3.03 -19.97
C GLN A 454 -3.24 -3.58 -19.97
N GLU A 455 -4.02 -3.19 -18.97
CA GLU A 455 -5.36 -3.73 -18.76
C GLU A 455 -6.36 -2.87 -19.51
N SER A 456 -6.71 -3.28 -20.72
CA SER A 456 -7.69 -2.59 -21.55
C SER A 456 -8.00 -3.46 -22.76
N ASN A 457 -9.01 -3.06 -23.51
CA ASN A 457 -9.39 -3.72 -24.76
C ASN A 457 -9.27 -2.69 -25.87
N HIS A 458 -8.07 -2.57 -26.45
CA HIS A 458 -7.80 -1.65 -27.53
C HIS A 458 -7.54 -2.37 -28.85
N ASN A 459 -8.01 -3.60 -28.97
CA ASN A 459 -7.79 -4.44 -30.15
C ASN A 459 -9.11 -5.02 -30.66
N GLY A 460 -10.12 -4.16 -30.75
CA GLY A 460 -11.40 -4.56 -31.29
C GLY A 460 -11.44 -4.46 -32.80
N PRO A 461 -12.30 -5.25 -33.44
CA PRO A 461 -12.40 -5.22 -34.91
C PRO A 461 -13.21 -4.05 -35.46
N VAL A 462 -13.72 -3.16 -34.62
CA VAL A 462 -14.51 -2.03 -35.05
C VAL A 462 -13.81 -0.76 -34.59
N PHE A 463 -13.69 0.21 -35.49
CA PHE A 463 -12.87 1.39 -35.24
C PHE A 463 -13.40 2.23 -34.09
N LEU A 464 -14.69 2.59 -34.13
CA LEU A 464 -15.23 3.45 -33.07
C LEU A 464 -15.34 2.71 -31.75
N ASP A 465 -15.35 1.38 -31.76
CA ASP A 465 -15.19 0.63 -30.52
C ASP A 465 -13.80 0.85 -29.93
N ARG A 466 -12.76 0.70 -30.76
CA ARG A 466 -11.40 0.97 -30.29
C ARG A 466 -11.25 2.44 -29.89
N PHE A 467 -11.89 3.33 -30.63
CA PHE A 467 -11.81 4.76 -30.32
C PHE A 467 -12.44 5.07 -28.96
N THR A 468 -13.56 4.41 -28.65
CA THR A 468 -14.27 4.72 -27.41
C THR A 468 -13.49 4.25 -26.19
N GLU A 469 -13.01 3.00 -26.21
CA GLU A 469 -12.25 2.48 -25.07
C GLU A 469 -10.95 3.24 -24.87
N SER A 470 -10.24 3.52 -25.97
CA SER A 470 -8.96 4.21 -25.85
C SER A 470 -9.12 5.61 -25.31
N LEU A 471 -10.22 6.29 -25.64
CA LEU A 471 -10.44 7.63 -25.12
C LEU A 471 -10.66 7.61 -23.61
N HIS A 472 -11.34 6.58 -23.11
CA HIS A 472 -11.56 6.47 -21.66
C HIS A 472 -10.27 6.13 -20.94
N TYR A 473 -9.49 5.18 -21.48
CA TYR A 473 -8.27 4.73 -20.83
C TYR A 473 -7.22 5.83 -20.78
N TYR A 474 -7.02 6.53 -21.90
CA TYR A 474 -6.04 7.61 -21.91
C TYR A 474 -6.55 8.88 -21.23
N SER A 475 -7.84 8.94 -20.91
CA SER A 475 -8.35 10.01 -20.06
C SER A 475 -8.00 9.77 -18.60
N THR A 476 -8.02 8.50 -18.17
CA THR A 476 -7.60 8.17 -16.81
C THR A 476 -6.11 8.43 -16.62
N LEU A 477 -5.29 8.06 -17.61
CA LEU A 477 -3.86 8.27 -17.51
C LEU A 477 -3.51 9.75 -17.38
N PHE A 478 -4.14 10.59 -18.20
CA PHE A 478 -3.87 12.02 -18.11
C PHE A 478 -4.50 12.65 -16.88
N ASP A 479 -5.46 11.97 -16.25
CA ASP A 479 -6.00 12.46 -14.99
C ASP A 479 -5.06 12.15 -13.83
N SER A 480 -4.37 11.02 -13.88
CA SER A 480 -3.41 10.67 -12.84
C SER A 480 -2.24 11.65 -12.82
N LEU A 481 -1.80 12.10 -13.99
CA LEU A 481 -0.67 13.00 -14.08
C LEU A 481 -1.03 14.46 -13.84
N GLU A 482 -2.31 14.77 -13.60
CA GLU A 482 -2.72 16.16 -13.47
C GLU A 482 -2.07 16.83 -12.27
N GLY A 483 -2.02 16.14 -11.13
CA GLY A 483 -1.46 16.72 -9.94
C GLY A 483 0.06 16.65 -9.82
N VAL A 484 0.71 15.88 -10.68
CA VAL A 484 2.17 15.74 -10.61
C VAL A 484 2.82 17.08 -10.90
N PRO A 485 3.85 17.48 -10.15
CA PRO A 485 4.50 18.77 -10.42
C PRO A 485 5.08 18.82 -11.83
N ASN A 486 4.99 20.00 -12.44
CA ASN A 486 5.45 20.16 -13.82
C ASN A 486 6.97 20.05 -13.89
N SER A 487 7.45 19.24 -14.82
CA SER A 487 8.88 19.03 -15.01
C SER A 487 9.12 18.53 -16.42
N GLN A 488 10.38 18.58 -16.86
CA GLN A 488 10.72 18.10 -18.19
C GLN A 488 10.48 16.61 -18.33
N ASP A 489 10.58 15.86 -17.23
CA ASP A 489 10.21 14.45 -17.27
C ASP A 489 8.71 14.30 -17.53
N LYS A 490 7.90 15.16 -16.90
CA LYS A 490 6.46 15.11 -17.12
C LYS A 490 6.09 15.48 -18.56
N VAL A 491 6.75 16.49 -19.11
CA VAL A 491 6.44 16.93 -20.47
C VAL A 491 6.76 15.81 -21.46
N MET A 492 7.93 15.20 -21.33
CA MET A 492 8.32 14.12 -22.22
C MET A 492 7.53 12.84 -21.99
N SER A 493 6.82 12.73 -20.86
CA SER A 493 5.98 11.58 -20.61
C SER A 493 4.71 11.62 -21.44
N GLU A 494 4.14 12.83 -21.62
CA GLU A 494 2.94 12.96 -22.43
C GLU A 494 3.23 12.74 -23.91
N VAL A 495 4.40 13.20 -24.37
CA VAL A 495 4.81 12.94 -25.75
C VAL A 495 4.98 11.43 -25.96
N TYR A 496 5.51 10.74 -24.96
CA TYR A 496 5.62 9.29 -25.03
C TYR A 496 4.24 8.65 -25.17
N LEU A 497 3.27 9.14 -24.41
CA LEU A 497 1.90 8.65 -24.51
C LEU A 497 1.18 9.19 -25.74
N GLY A 498 1.51 10.42 -26.16
CA GLY A 498 0.92 10.96 -27.37
C GLY A 498 1.26 10.13 -28.59
N LYS A 499 2.50 9.66 -28.69
CA LYS A 499 2.85 8.72 -29.75
C LYS A 499 2.08 7.42 -29.63
N GLN A 500 1.65 7.06 -28.42
CA GLN A 500 0.85 5.86 -28.24
C GLN A 500 -0.57 6.05 -28.74
N ILE A 501 -1.17 7.21 -28.43
CA ILE A 501 -2.50 7.52 -28.94
C ILE A 501 -2.48 7.57 -30.45
N CYS A 502 -1.47 8.24 -31.02
CA CYS A 502 -1.42 8.46 -32.46
C CYS A 502 -1.31 7.16 -33.23
N ASN A 503 -0.49 6.22 -32.76
CA ASN A 503 -0.40 4.91 -33.41
C ASN A 503 -1.66 4.09 -33.20
N LEU A 504 -2.50 4.45 -32.22
CA LEU A 504 -3.64 3.62 -31.87
C LEU A 504 -4.77 3.72 -32.89
N VAL A 505 -5.05 4.92 -33.38
CA VAL A 505 -6.18 5.12 -34.28
C VAL A 505 -5.76 5.49 -35.69
N ALA A 506 -4.60 6.12 -35.89
CA ALA A 506 -4.21 6.54 -37.23
C ALA A 506 -3.70 5.39 -38.08
N CYS A 507 -3.05 4.41 -37.47
CA CYS A 507 -2.40 3.34 -38.21
C CYS A 507 -3.30 2.10 -38.28
N GLU A 508 -2.95 1.21 -39.21
CA GLU A 508 -3.67 -0.03 -39.42
C GLU A 508 -2.69 -1.08 -39.93
N GLY A 509 -3.11 -2.34 -39.84
CA GLY A 509 -2.27 -3.46 -40.24
C GLY A 509 -1.09 -3.63 -39.30
N PRO A 510 0.02 -4.13 -39.82
CA PRO A 510 1.22 -4.29 -38.98
C PRO A 510 1.77 -2.97 -38.46
N ASP A 511 1.39 -1.84 -39.05
CA ASP A 511 1.91 -0.56 -38.59
C ASP A 511 1.39 -0.20 -37.21
N ARG A 512 0.21 -0.70 -36.84
CA ARG A 512 -0.36 -0.43 -35.53
C ARG A 512 0.13 -1.50 -34.55
N VAL A 513 0.86 -1.08 -33.53
CA VAL A 513 1.48 -2.00 -32.57
C VAL A 513 0.79 -2.00 -31.22
N GLU A 514 -0.10 -1.03 -30.94
CA GLU A 514 -0.74 -0.92 -29.63
C GLU A 514 -2.00 -1.78 -29.58
N ARG A 515 -1.80 -3.10 -29.68
CA ARG A 515 -2.91 -4.04 -29.67
C ARG A 515 -3.08 -4.61 -28.26
N HIS A 516 -3.52 -3.73 -27.35
CA HIS A 516 -3.69 -4.11 -25.95
C HIS A 516 -4.83 -5.11 -25.79
N GLU A 517 -4.73 -5.91 -24.73
CA GLU A 517 -5.74 -6.89 -24.39
C GLU A 517 -5.86 -6.97 -22.88
N THR A 518 -6.99 -7.49 -22.40
CA THR A 518 -7.24 -7.63 -20.98
C THR A 518 -6.68 -8.95 -20.47
N LEU A 519 -6.54 -9.04 -19.15
CA LEU A 519 -6.02 -10.26 -18.54
C LEU A 519 -6.90 -11.46 -18.87
N SER A 520 -8.20 -11.26 -19.00
CA SER A 520 -9.09 -12.35 -19.39
C SER A 520 -8.75 -12.86 -20.78
N GLN A 521 -8.46 -11.94 -21.71
CA GLN A 521 -8.05 -12.36 -23.05
C GLN A 521 -6.63 -12.89 -23.05
N TRP A 522 -5.73 -12.24 -22.31
CA TRP A 522 -4.35 -12.71 -22.24
C TRP A 522 -4.28 -14.10 -21.60
N GLY A 523 -5.04 -14.33 -20.53
CA GLY A 523 -5.06 -15.63 -19.90
C GLY A 523 -5.63 -16.73 -20.77
N ASN A 524 -6.43 -16.37 -21.78
CA ASN A 524 -6.92 -17.37 -22.73
C ASN A 524 -5.81 -17.82 -23.67
N ARG A 525 -4.94 -16.89 -24.09
CA ARG A 525 -3.84 -17.23 -24.98
C ARG A 525 -2.81 -18.11 -24.26
N PHE A 526 -2.42 -17.70 -23.04
CA PHE A 526 -1.44 -18.49 -22.29
C PHE A 526 -1.97 -19.86 -21.93
N GLY A 527 -3.25 -19.95 -21.56
CA GLY A 527 -3.82 -21.23 -21.18
C GLY A 527 -3.82 -22.23 -22.31
N SER A 528 -4.11 -21.78 -23.53
CA SER A 528 -4.09 -22.67 -24.67
C SER A 528 -2.68 -23.12 -25.03
N SER A 529 -1.68 -22.28 -24.74
CA SER A 529 -0.29 -22.69 -24.94
C SER A 529 0.11 -23.81 -23.98
N GLY A 530 -0.34 -23.73 -22.73
CA GLY A 530 0.03 -24.70 -21.73
C GLY A 530 0.74 -24.10 -20.54
N LEU A 531 0.47 -22.84 -20.25
CA LEU A 531 1.11 -22.11 -19.16
C LEU A 531 0.12 -21.98 -18.00
N ALA A 532 0.31 -22.78 -16.96
CA ALA A 532 -0.48 -22.68 -15.75
C ALA A 532 -0.06 -21.47 -14.92
N PRO A 533 -0.99 -20.84 -14.22
CA PRO A 533 -0.65 -19.66 -13.42
C PRO A 533 0.27 -19.99 -12.25
N ALA A 534 1.11 -19.03 -11.91
CA ALA A 534 1.92 -19.06 -10.69
C ALA A 534 1.49 -17.88 -9.84
N HIS A 535 0.88 -18.15 -8.70
CA HIS A 535 0.26 -17.10 -7.91
C HIS A 535 1.30 -16.23 -7.21
N LEU A 536 0.98 -14.96 -7.08
CA LEU A 536 1.83 -14.00 -6.39
C LEU A 536 1.38 -13.88 -4.93
N GLY A 537 2.36 -13.73 -4.03
CA GLY A 537 2.09 -13.69 -2.61
C GLY A 537 1.98 -12.27 -2.07
N SER A 538 1.84 -12.20 -0.75
CA SER A 538 1.69 -10.92 -0.06
C SER A 538 3.01 -10.18 0.13
N ASN A 539 4.14 -10.87 0.00
CA ASN A 539 5.43 -10.19 0.03
C ASN A 539 5.58 -9.26 -1.16
N ALA A 540 5.19 -9.72 -2.36
CA ALA A 540 5.20 -8.86 -3.53
C ALA A 540 4.19 -7.73 -3.39
N PHE A 541 3.01 -8.03 -2.82
CA PHE A 541 2.00 -7.01 -2.59
C PHE A 541 2.50 -5.92 -1.67
N LYS A 542 3.24 -6.30 -0.62
CA LYS A 542 3.71 -5.32 0.37
C LYS A 542 4.71 -4.35 -0.24
N GLN A 543 5.68 -4.86 -1.02
CA GLN A 543 6.70 -4.00 -1.60
C GLN A 543 6.08 -3.02 -2.59
N ALA A 544 5.13 -3.48 -3.41
CA ALA A 544 4.45 -2.58 -4.33
C ALA A 544 3.69 -1.49 -3.60
N SER A 545 3.10 -1.81 -2.45
CA SER A 545 2.41 -0.81 -1.65
C SER A 545 3.38 0.21 -1.06
N MET A 546 4.53 -0.24 -0.58
CA MET A 546 5.53 0.71 -0.09
C MET A 546 6.21 1.43 -1.25
N LEU A 547 6.30 0.80 -2.42
CA LEU A 547 6.81 1.49 -3.60
C LEU A 547 5.97 2.71 -3.92
N LEU A 548 4.65 2.58 -3.82
CA LEU A 548 3.69 3.66 -4.04
C LEU A 548 3.67 4.64 -2.90
N SER A 549 4.62 4.58 -1.99
CA SER A 549 4.70 5.50 -0.86
C SER A 549 6.01 6.27 -0.78
N VAL A 550 7.05 5.83 -1.50
CA VAL A 550 8.32 6.56 -1.49
C VAL A 550 8.30 7.68 -2.52
N PHE A 551 7.96 7.36 -3.76
CA PHE A 551 7.96 8.33 -4.85
C PHE A 551 6.60 8.99 -5.05
N ASN A 552 5.50 8.24 -4.87
CA ASN A 552 4.15 8.77 -4.96
C ASN A 552 3.59 8.92 -3.56
N SER A 553 3.12 10.12 -3.22
CA SER A 553 2.67 10.40 -1.86
C SER A 553 1.17 10.68 -1.80
N GLY A 554 0.67 11.66 -2.54
CA GLY A 554 -0.73 12.02 -2.47
C GLY A 554 -1.55 11.43 -3.60
N GLN A 555 -0.87 10.99 -4.65
CA GLN A 555 -1.56 10.40 -5.79
C GLN A 555 -2.20 9.07 -5.40
N GLY A 556 -3.42 8.84 -5.89
CA GLY A 556 -4.22 7.73 -5.42
C GLY A 556 -4.06 6.43 -6.18
N TYR A 557 -2.86 5.86 -6.15
CA TYR A 557 -2.59 4.58 -6.76
C TYR A 557 -2.83 3.47 -5.75
N ARG A 558 -3.44 2.38 -6.21
CA ARG A 558 -3.78 1.26 -5.34
C ARG A 558 -3.34 -0.04 -5.99
N VAL A 559 -3.11 -1.05 -5.14
CA VAL A 559 -2.74 -2.39 -5.57
C VAL A 559 -3.85 -3.33 -5.13
N GLU A 560 -4.22 -4.26 -6.01
CA GLU A 560 -5.22 -5.26 -5.70
C GLU A 560 -4.77 -6.62 -6.23
N GLU A 561 -5.29 -7.67 -5.60
CA GLU A 561 -5.03 -9.04 -6.00
C GLU A 561 -6.27 -9.62 -6.67
N SER A 562 -6.06 -10.41 -7.71
CA SER A 562 -7.17 -11.02 -8.44
C SER A 562 -6.65 -12.21 -9.23
N ASN A 563 -7.16 -13.40 -8.92
CA ASN A 563 -6.84 -14.61 -9.66
C ASN A 563 -5.35 -14.92 -9.66
N GLY A 564 -4.69 -14.64 -8.55
CA GLY A 564 -3.26 -14.88 -8.46
C GLY A 564 -2.41 -13.87 -9.21
N CYS A 565 -2.95 -12.70 -9.48
CA CYS A 565 -2.23 -11.64 -10.19
C CYS A 565 -2.24 -10.37 -9.35
N LEU A 566 -1.44 -9.40 -9.78
CA LEU A 566 -1.37 -8.10 -9.13
C LEU A 566 -1.69 -7.01 -10.15
N MET A 567 -2.45 -6.00 -9.71
CA MET A 567 -2.87 -4.92 -10.58
C MET A 567 -2.51 -3.58 -9.95
N LEU A 568 -2.02 -2.67 -10.79
CA LEU A 568 -1.80 -1.28 -10.39
C LEU A 568 -2.81 -0.41 -11.10
N GLY A 569 -3.56 0.37 -10.32
CA GLY A 569 -4.60 1.22 -10.89
C GLY A 569 -4.69 2.53 -10.14
N TRP A 570 -5.44 3.45 -10.73
CA TRP A 570 -5.71 4.75 -10.13
C TRP A 570 -7.08 4.68 -9.46
N HIS A 571 -7.08 4.80 -8.14
CA HIS A 571 -8.30 4.65 -7.32
C HIS A 571 -8.87 3.28 -7.61
N THR A 572 -10.06 3.17 -8.19
CA THR A 572 -10.69 1.88 -8.46
C THR A 572 -10.54 1.43 -9.90
N ARG A 573 -9.73 2.14 -10.70
CA ARG A 573 -9.62 1.87 -12.12
C ARG A 573 -8.30 1.17 -12.42
N PRO A 574 -8.32 -0.12 -12.78
CA PRO A 574 -7.07 -0.82 -13.08
C PRO A 574 -6.40 -0.27 -14.34
N LEU A 575 -5.07 -0.30 -14.34
CA LEU A 575 -4.29 0.15 -15.49
C LEU A 575 -3.38 -0.93 -16.05
N ILE A 576 -2.59 -1.60 -15.20
CA ILE A 576 -1.67 -2.63 -15.63
C ILE A 576 -1.81 -3.84 -14.72
N THR A 577 -1.31 -4.98 -15.19
CA THR A 577 -1.41 -6.23 -14.45
C THR A 577 -0.13 -7.02 -14.60
N THR A 578 0.29 -7.67 -13.50
CA THR A 578 1.48 -8.51 -13.48
C THR A 578 1.07 -9.95 -13.23
N SER A 579 1.50 -10.85 -14.09
CA SER A 579 1.18 -12.26 -13.96
C SER A 579 2.43 -13.11 -14.18
N ALA A 580 2.48 -14.26 -13.50
CA ALA A 580 3.55 -15.22 -13.64
C ALA A 580 2.95 -16.56 -14.04
N TRP A 581 3.67 -17.29 -14.90
CA TRP A 581 3.16 -18.53 -15.46
C TRP A 581 4.24 -19.60 -15.38
N LYS A 582 3.78 -20.84 -15.37
CA LYS A 582 4.66 -22.00 -15.34
C LYS A 582 4.08 -23.09 -16.23
N LEU A 583 4.94 -23.96 -16.73
CA LEU A 583 4.48 -25.04 -17.60
C LEU A 583 3.54 -25.95 -16.83
N SER A 584 2.40 -26.27 -17.45
CA SER A 584 1.43 -27.15 -16.80
C SER A 584 1.93 -28.58 -16.82
N THR A 585 1.82 -29.25 -15.68
CA THR A 585 2.28 -30.63 -15.56
C THR A 585 1.12 -31.55 -15.18
N ILE B 12 -20.31 -24.72 18.28
CA ILE B 12 -21.28 -25.77 18.56
C ILE B 12 -22.67 -25.16 18.72
N GLU B 13 -22.72 -23.92 19.21
CA GLU B 13 -24.00 -23.25 19.43
C GLU B 13 -24.41 -22.38 18.25
N SER B 14 -23.46 -21.91 17.45
CA SER B 14 -23.76 -21.09 16.29
C SER B 14 -24.04 -21.90 15.04
N ARG B 15 -23.78 -23.20 15.05
CA ARG B 15 -23.95 -24.00 13.85
C ARG B 15 -25.42 -24.26 13.54
N THR B 16 -26.25 -24.38 14.56
CA THR B 16 -27.66 -24.70 14.38
C THR B 16 -28.55 -23.48 14.20
N VAL B 17 -27.97 -22.28 14.15
CA VAL B 17 -28.76 -21.06 13.99
C VAL B 17 -28.54 -20.39 12.64
N VAL B 18 -27.51 -20.75 11.90
CA VAL B 18 -27.25 -20.18 10.57
C VAL B 18 -26.93 -21.31 9.60
N PRO B 19 -27.13 -21.10 8.31
CA PRO B 19 -26.72 -22.10 7.32
C PRO B 19 -25.20 -22.23 7.26
N LEU B 20 -24.76 -23.34 6.66
CA LEU B 20 -23.34 -23.69 6.66
C LEU B 20 -22.51 -22.65 5.90
N ASN B 21 -23.01 -22.15 4.77
CA ASN B 21 -22.28 -21.16 4.01
C ASN B 21 -22.11 -19.86 4.78
N THR B 22 -23.17 -19.41 5.45
CA THR B 22 -23.08 -18.22 6.28
C THR B 22 -22.10 -18.45 7.44
N TRP B 23 -22.15 -19.63 8.05
CA TRP B 23 -21.21 -19.95 9.13
C TRP B 23 -19.78 -19.86 8.63
N VAL B 24 -19.52 -20.45 7.46
CA VAL B 24 -18.16 -20.43 6.89
C VAL B 24 -17.71 -19.00 6.62
N LEU B 25 -18.56 -18.20 6.01
CA LEU B 25 -18.19 -16.82 5.67
C LEU B 25 -17.86 -16.02 6.93
N ILE B 26 -18.73 -16.10 7.94
CA ILE B 26 -18.52 -15.28 9.14
C ILE B 26 -17.32 -15.78 9.93
N SER B 27 -17.15 -17.11 10.04
CA SER B 27 -16.01 -17.65 10.76
C SER B 27 -14.69 -17.29 10.08
N ASN B 28 -14.65 -17.36 8.75
CA ASN B 28 -13.45 -16.96 8.03
C ASN B 28 -13.13 -15.50 8.27
N PHE B 29 -14.15 -14.64 8.24
CA PHE B 29 -13.93 -13.22 8.52
C PHE B 29 -13.38 -13.04 9.93
N LYS B 30 -13.95 -13.77 10.90
CA LYS B 30 -13.53 -13.62 12.29
C LYS B 30 -12.09 -14.04 12.49
N VAL B 31 -11.69 -15.19 11.93
CA VAL B 31 -10.31 -15.66 12.12
C VAL B 31 -9.33 -14.74 11.40
N ALA B 32 -9.68 -14.26 10.21
CA ALA B 32 -8.80 -13.33 9.53
C ALA B 32 -8.61 -12.05 10.33
N TYR B 33 -9.69 -11.50 10.88
CA TYR B 33 -9.57 -10.28 11.67
C TYR B 33 -8.83 -10.53 12.97
N ASN B 34 -8.93 -11.75 13.52
CA ASN B 34 -8.12 -12.13 14.67
C ASN B 34 -6.64 -12.07 14.34
N ILE B 35 -6.28 -12.60 13.17
CA ILE B 35 -4.89 -12.54 12.73
C ILE B 35 -4.44 -11.09 12.54
N LEU B 36 -5.33 -10.24 12.04
CA LEU B 36 -4.93 -8.89 11.63
C LEU B 36 -4.89 -7.88 12.78
N ARG B 37 -5.27 -8.26 13.99
CA ARG B 37 -5.30 -7.33 15.12
C ARG B 37 -4.07 -7.54 16.00
N ARG B 38 -3.40 -6.44 16.33
CA ARG B 38 -2.20 -6.51 17.16
C ARG B 38 -2.44 -5.85 18.51
N PRO B 39 -1.98 -6.48 19.61
CA PRO B 39 -2.37 -6.02 20.95
C PRO B 39 -1.99 -4.59 21.29
N ASP B 40 -0.92 -4.05 20.71
CA ASP B 40 -0.48 -2.70 21.06
C ASP B 40 -1.27 -1.61 20.35
N GLY B 41 -2.39 -1.94 19.71
CA GLY B 41 -3.22 -0.94 19.09
C GLY B 41 -2.87 -0.59 17.66
N THR B 42 -2.16 -1.47 16.95
CA THR B 42 -1.79 -1.22 15.56
C THR B 42 -2.47 -2.27 14.67
N PHE B 43 -2.67 -1.90 13.41
CA PHE B 43 -3.39 -2.73 12.45
C PHE B 43 -2.48 -3.14 11.31
N ASN B 44 -2.62 -4.38 10.86
CA ASN B 44 -1.88 -4.90 9.71
C ASN B 44 -2.65 -4.55 8.45
N ARG B 45 -2.36 -3.36 7.90
CA ARG B 45 -3.15 -2.84 6.79
C ARG B 45 -2.83 -3.56 5.48
N HIS B 46 -1.56 -3.88 5.24
CA HIS B 46 -1.17 -4.48 3.97
C HIS B 46 -1.77 -5.86 3.79
N LEU B 47 -1.69 -6.70 4.83
CA LEU B 47 -2.27 -8.03 4.74
C LEU B 47 -3.80 -7.97 4.67
N ALA B 48 -4.40 -6.99 5.34
CA ALA B 48 -5.85 -6.81 5.27
C ALA B 48 -6.28 -6.48 3.85
N GLU B 49 -5.55 -5.58 3.18
CA GLU B 49 -5.88 -5.25 1.80
C GLU B 49 -5.57 -6.39 0.85
N TYR B 50 -4.56 -7.19 1.15
CA TYR B 50 -4.27 -8.34 0.30
C TYR B 50 -5.36 -9.41 0.42
N LEU B 51 -5.92 -9.60 1.62
CA LEU B 51 -6.92 -10.63 1.82
C LEU B 51 -8.33 -10.18 1.43
N ASP B 52 -8.55 -8.90 1.19
CA ASP B 52 -9.86 -8.37 0.86
C ASP B 52 -10.24 -8.71 -0.58
N ARG B 53 -11.46 -9.22 -0.77
CA ARG B 53 -11.97 -9.55 -2.10
C ARG B 53 -12.78 -8.37 -2.63
N LYS B 54 -12.46 -7.94 -3.85
CA LYS B 54 -13.02 -6.72 -4.41
C LYS B 54 -13.47 -6.95 -5.84
N VAL B 55 -14.20 -5.97 -6.37
CA VAL B 55 -14.70 -5.97 -7.73
C VAL B 55 -14.45 -4.59 -8.34
N THR B 56 -14.89 -4.40 -9.58
CA THR B 56 -14.74 -3.13 -10.27
C THR B 56 -16.05 -2.74 -10.92
N ALA B 57 -16.19 -1.44 -11.19
CA ALA B 57 -17.42 -0.92 -11.78
C ALA B 57 -17.59 -1.41 -13.21
N ASN B 58 -18.84 -1.60 -13.60
CA ASN B 58 -19.17 -2.11 -14.93
C ASN B 58 -20.33 -1.29 -15.48
N ALA B 59 -20.12 -0.67 -16.64
CA ALA B 59 -21.16 0.08 -17.32
C ALA B 59 -22.04 -0.79 -18.20
N ASN B 60 -21.71 -2.06 -18.36
CA ASN B 60 -22.59 -3.00 -19.06
C ASN B 60 -23.67 -3.47 -18.09
N PRO B 61 -24.96 -3.29 -18.40
CA PRO B 61 -26.02 -3.72 -17.47
C PRO B 61 -26.03 -5.22 -17.30
N VAL B 62 -25.86 -5.67 -16.06
CA VAL B 62 -25.96 -7.08 -15.69
C VAL B 62 -27.14 -7.23 -14.75
N ASP B 63 -28.14 -8.01 -15.16
CA ASP B 63 -29.37 -8.21 -14.40
C ASP B 63 -30.07 -6.88 -14.11
N GLY B 64 -30.06 -5.98 -15.09
CA GLY B 64 -30.79 -4.74 -14.98
C GLY B 64 -30.11 -3.65 -14.18
N VAL B 65 -28.87 -3.86 -13.74
CA VAL B 65 -28.13 -2.89 -12.96
C VAL B 65 -26.77 -2.66 -13.61
N PHE B 66 -26.34 -1.40 -13.65
CA PHE B 66 -24.98 -1.04 -14.04
C PHE B 66 -24.45 0.00 -13.06
N SER B 67 -23.13 0.06 -12.94
CA SER B 67 -22.49 0.92 -11.97
C SER B 67 -21.32 1.68 -12.62
N PHE B 68 -20.94 2.77 -11.97
CA PHE B 68 -19.76 3.53 -12.38
C PHE B 68 -19.27 4.33 -11.17
N ASP B 69 -17.96 4.56 -11.12
CA ASP B 69 -17.36 5.26 -10.00
C ASP B 69 -17.24 6.75 -10.30
N VAL B 70 -17.35 7.56 -9.26
CA VAL B 70 -17.23 9.01 -9.35
C VAL B 70 -16.25 9.48 -8.30
N LEU B 71 -15.27 10.29 -8.70
CA LEU B 71 -14.30 10.86 -7.77
C LEU B 71 -14.90 12.16 -7.22
N ILE B 72 -15.54 12.05 -6.07
CA ILE B 72 -16.21 13.20 -5.47
C ILE B 72 -15.19 14.22 -4.96
N ASP B 73 -14.13 13.74 -4.32
CA ASP B 73 -13.12 14.63 -3.75
C ASP B 73 -11.74 14.10 -4.09
N ARG B 74 -10.81 15.01 -4.35
CA ARG B 74 -9.43 14.65 -4.68
C ARG B 74 -8.44 14.95 -3.58
N ARG B 75 -8.71 15.96 -2.75
CA ARG B 75 -7.81 16.28 -1.65
C ARG B 75 -7.76 15.15 -0.64
N ILE B 76 -8.92 14.55 -0.34
CA ILE B 76 -9.01 13.42 0.58
C ILE B 76 -9.23 12.11 -0.15
N ASN B 77 -9.24 12.12 -1.49
CA ASN B 77 -9.45 10.92 -2.30
C ASN B 77 -10.78 10.24 -1.99
N LEU B 78 -11.84 11.05 -1.86
CA LEU B 78 -13.17 10.54 -1.53
C LEU B 78 -13.89 10.10 -2.79
N LEU B 79 -14.36 8.84 -2.78
CA LEU B 79 -14.93 8.21 -3.95
C LEU B 79 -16.26 7.54 -3.59
N SER B 80 -17.13 7.43 -4.58
CA SER B 80 -18.42 6.77 -4.41
C SER B 80 -18.76 6.01 -5.69
N ARG B 81 -19.53 4.94 -5.52
CA ARG B 81 -20.00 4.13 -6.63
C ARG B 81 -21.50 4.30 -6.78
N VAL B 82 -21.95 4.56 -8.00
CA VAL B 82 -23.36 4.85 -8.30
C VAL B 82 -23.96 3.65 -9.00
N TYR B 83 -25.08 3.16 -8.47
CA TYR B 83 -25.83 2.06 -9.05
C TYR B 83 -27.17 2.57 -9.55
N ARG B 84 -27.46 2.30 -10.82
CA ARG B 84 -28.67 2.75 -11.51
C ARG B 84 -29.33 1.57 -12.21
N PRO B 85 -30.65 1.62 -12.39
CA PRO B 85 -31.32 0.61 -13.21
C PRO B 85 -31.04 0.82 -14.69
N ALA B 86 -31.06 -0.28 -15.43
CA ALA B 86 -30.77 -0.23 -16.86
C ALA B 86 -31.84 0.55 -17.60
N TYR B 87 -31.41 1.36 -18.57
CA TYR B 87 -32.32 2.15 -19.38
C TYR B 87 -33.17 1.22 -20.24
N ALA B 88 -34.45 1.08 -19.89
CA ALA B 88 -35.33 0.19 -20.63
C ALA B 88 -35.75 0.77 -21.97
N ASP B 89 -35.81 2.10 -22.08
CA ASP B 89 -36.22 2.71 -23.33
C ASP B 89 -35.22 2.42 -24.45
N GLN B 90 -33.93 2.52 -24.15
CA GLN B 90 -32.90 2.26 -25.14
C GLN B 90 -32.55 0.77 -25.18
N GLU B 91 -31.85 0.38 -26.23
CA GLU B 91 -31.43 -1.00 -26.43
C GLU B 91 -29.93 -1.18 -26.25
N GLN B 92 -29.12 -0.31 -26.87
CA GLN B 92 -27.68 -0.41 -26.78
C GLN B 92 -27.22 -0.06 -25.37
N PRO B 93 -26.06 -0.58 -24.95
CA PRO B 93 -25.56 -0.26 -23.61
C PRO B 93 -25.23 1.22 -23.50
N PRO B 94 -25.34 1.80 -22.30
CA PRO B 94 -25.12 3.24 -22.14
C PRO B 94 -23.70 3.65 -22.47
N SER B 95 -23.57 4.88 -22.97
CA SER B 95 -22.26 5.47 -23.24
C SER B 95 -21.82 6.28 -22.02
N ILE B 96 -20.72 7.00 -22.15
CA ILE B 96 -20.22 7.79 -21.03
C ILE B 96 -21.14 8.96 -20.74
N LEU B 97 -21.69 9.59 -21.78
CA LEU B 97 -22.62 10.70 -21.56
C LEU B 97 -23.93 10.22 -20.98
N ASP B 98 -24.36 9.00 -21.32
CA ASP B 98 -25.62 8.45 -20.83
C ASP B 98 -25.60 8.13 -19.33
N LEU B 99 -24.44 8.14 -18.70
CA LEU B 99 -24.36 7.76 -17.28
C LEU B 99 -25.09 8.77 -16.41
N GLU B 100 -24.79 10.05 -16.57
CA GLU B 100 -25.44 11.11 -15.81
C GLU B 100 -26.62 11.70 -16.59
N LYS B 101 -27.51 10.82 -17.02
CA LYS B 101 -28.76 11.10 -17.72
C LYS B 101 -29.87 11.37 -16.70
N PRO B 102 -30.69 12.41 -16.92
CA PRO B 102 -31.78 12.68 -15.99
C PRO B 102 -32.75 11.50 -15.89
N VAL B 103 -33.27 11.30 -14.68
CA VAL B 103 -34.22 10.22 -14.43
C VAL B 103 -35.60 10.64 -14.88
N ASP B 104 -36.37 9.68 -15.39
CA ASP B 104 -37.75 9.90 -15.80
C ASP B 104 -38.66 9.22 -14.78
N GLY B 105 -39.53 10.01 -14.16
CA GLY B 105 -40.43 9.49 -13.15
C GLY B 105 -40.94 10.59 -12.25
N ASP B 106 -42.20 10.49 -11.81
CA ASP B 106 -42.75 11.50 -10.93
C ASP B 106 -42.00 11.55 -9.61
N ILE B 107 -41.71 10.38 -9.03
CA ILE B 107 -40.97 10.29 -7.77
C ILE B 107 -39.83 9.31 -7.97
N VAL B 108 -38.64 9.70 -7.54
CA VAL B 108 -37.46 8.84 -7.61
C VAL B 108 -36.67 8.94 -6.30
N PRO B 109 -36.58 7.86 -5.52
CA PRO B 109 -35.76 7.90 -4.31
C PRO B 109 -34.34 7.42 -4.55
N VAL B 110 -33.39 8.11 -3.93
CA VAL B 110 -31.98 7.75 -3.99
C VAL B 110 -31.53 7.36 -2.59
N ILE B 111 -30.92 6.17 -2.47
CA ILE B 111 -30.45 5.65 -1.19
C ILE B 111 -28.95 5.93 -1.08
N LEU B 112 -28.55 6.58 0.01
CA LEU B 112 -27.15 6.84 0.31
C LEU B 112 -26.68 5.85 1.36
N PHE B 113 -25.82 4.92 0.97
CA PHE B 113 -25.50 3.74 1.76
C PHE B 113 -24.11 3.84 2.39
N PHE B 114 -24.01 3.43 3.64
CA PHE B 114 -22.74 3.32 4.35
C PHE B 114 -22.54 1.89 4.81
N HIS B 115 -21.37 1.33 4.55
CA HIS B 115 -21.06 -0.07 4.78
C HIS B 115 -20.44 -0.29 6.15
N GLY B 116 -20.53 -1.54 6.63
CA GLY B 116 -20.02 -1.90 7.93
C GLY B 116 -18.58 -2.38 7.90
N GLY B 117 -18.12 -2.83 9.06
CA GLY B 117 -16.73 -3.22 9.22
C GLY B 117 -16.09 -2.66 10.47
N SER B 118 -16.91 -2.12 11.37
CA SER B 118 -16.46 -1.62 12.67
C SER B 118 -15.44 -0.51 12.55
N PHE B 119 -15.63 0.36 11.54
CA PHE B 119 -14.79 1.53 11.24
C PHE B 119 -13.38 1.16 10.77
N ALA B 120 -13.10 -0.12 10.51
CA ALA B 120 -11.74 -0.52 10.19
C ALA B 120 -11.60 -1.44 8.98
N HIS B 121 -12.64 -2.18 8.60
CA HIS B 121 -12.54 -3.17 7.53
C HIS B 121 -13.39 -2.77 6.33
N SER B 122 -13.22 -3.53 5.25
CA SER B 122 -14.05 -3.49 4.06
C SER B 122 -14.00 -2.17 3.32
N SER B 123 -14.65 -2.11 2.16
CA SER B 123 -14.69 -0.92 1.33
C SER B 123 -15.91 -0.98 0.43
N ALA B 124 -16.18 0.12 -0.27
CA ALA B 124 -17.28 0.15 -1.22
C ALA B 124 -17.05 -0.79 -2.39
N ASN B 125 -15.79 -1.14 -2.68
CA ASN B 125 -15.45 -2.03 -3.77
C ASN B 125 -15.54 -3.50 -3.38
N SER B 126 -15.86 -3.79 -2.12
CA SER B 126 -15.89 -5.17 -1.64
C SER B 126 -17.01 -5.96 -2.32
N ALA B 127 -16.77 -7.26 -2.46
CA ALA B 127 -17.71 -8.12 -3.16
C ALA B 127 -18.94 -8.48 -2.33
N ILE B 128 -19.01 -8.04 -1.08
CA ILE B 128 -20.19 -8.28 -0.26
C ILE B 128 -21.11 -7.06 -0.19
N TYR B 129 -20.59 -5.85 -0.35
CA TYR B 129 -21.42 -4.65 -0.34
C TYR B 129 -21.85 -4.23 -1.74
N ASP B 130 -21.05 -4.57 -2.75
CA ASP B 130 -21.49 -4.38 -4.13
C ASP B 130 -22.73 -5.23 -4.43
N THR B 131 -22.71 -6.49 -3.97
CA THR B 131 -23.87 -7.35 -4.16
C THR B 131 -25.09 -6.81 -3.42
N LEU B 132 -24.89 -6.31 -2.20
CA LEU B 132 -26.00 -5.74 -1.44
C LEU B 132 -26.58 -4.52 -2.13
N CYS B 133 -25.73 -3.65 -2.67
CA CYS B 133 -26.23 -2.45 -3.34
C CYS B 133 -26.96 -2.82 -4.63
N ARG B 134 -26.45 -3.80 -5.38
CA ARG B 134 -27.16 -4.24 -6.58
C ARG B 134 -28.53 -4.83 -6.21
N ARG B 135 -28.60 -5.61 -5.14
CA ARG B 135 -29.88 -6.17 -4.71
C ARG B 135 -30.84 -5.08 -4.24
N LEU B 136 -30.32 -4.05 -3.57
CA LEU B 136 -31.16 -2.93 -3.17
C LEU B 136 -31.75 -2.22 -4.38
N VAL B 137 -30.93 -1.98 -5.41
CA VAL B 137 -31.44 -1.37 -6.63
C VAL B 137 -32.51 -2.24 -7.26
N GLY B 138 -32.25 -3.55 -7.33
CA GLY B 138 -33.18 -4.45 -7.99
C GLY B 138 -34.51 -4.57 -7.28
N LEU B 139 -34.49 -4.58 -5.94
CA LEU B 139 -35.71 -4.82 -5.17
C LEU B 139 -36.47 -3.54 -4.87
N CYS B 140 -35.79 -2.49 -4.42
CA CYS B 140 -36.47 -1.26 -4.08
C CYS B 140 -36.78 -0.38 -5.28
N LYS B 141 -36.18 -0.67 -6.45
CA LYS B 141 -36.39 0.10 -7.68
C LYS B 141 -35.98 1.57 -7.49
N CYS B 142 -34.68 1.75 -7.24
CA CYS B 142 -34.15 3.07 -6.92
C CYS B 142 -32.72 3.17 -7.46
N VAL B 143 -32.00 4.20 -7.02
CA VAL B 143 -30.58 4.36 -7.33
C VAL B 143 -29.82 4.46 -6.01
N VAL B 144 -28.62 3.89 -5.98
CA VAL B 144 -27.83 3.82 -4.75
C VAL B 144 -26.50 4.52 -4.97
N VAL B 145 -26.02 5.20 -3.93
CA VAL B 145 -24.68 5.78 -3.91
C VAL B 145 -23.94 5.20 -2.71
N SER B 146 -22.90 4.42 -2.98
CA SER B 146 -22.11 3.76 -1.94
C SER B 146 -20.81 4.55 -1.74
N VAL B 147 -20.59 5.03 -0.52
CA VAL B 147 -19.46 5.89 -0.19
C VAL B 147 -18.28 5.05 0.25
N ASN B 148 -17.07 5.54 -0.03
CA ASN B 148 -15.82 4.90 0.39
C ASN B 148 -15.16 5.83 1.39
N TYR B 149 -15.52 5.70 2.66
CA TYR B 149 -15.00 6.59 3.69
C TYR B 149 -13.71 6.04 4.29
N ARG B 150 -12.98 6.93 4.98
CA ARG B 150 -11.70 6.58 5.56
C ARG B 150 -11.89 5.70 6.79
N ARG B 151 -10.86 4.94 7.12
CA ARG B 151 -10.94 3.92 8.16
C ARG B 151 -9.90 4.16 9.25
N ALA B 152 -10.14 3.56 10.40
CA ALA B 152 -9.34 3.61 11.61
C ALA B 152 -8.43 2.38 11.71
N PRO B 153 -7.31 2.47 12.46
CA PRO B 153 -6.87 3.57 13.32
C PRO B 153 -6.05 4.64 12.60
N GLU B 154 -5.84 4.51 11.29
CA GLU B 154 -5.10 5.54 10.57
C GLU B 154 -5.89 6.84 10.50
N ASN B 155 -7.20 6.75 10.34
CA ASN B 155 -8.09 7.91 10.29
C ASN B 155 -9.19 7.70 11.33
N PRO B 156 -8.89 7.92 12.60
CA PRO B 156 -9.83 7.51 13.66
C PRO B 156 -11.15 8.28 13.70
N TYR B 157 -11.10 9.60 13.82
CA TYR B 157 -12.30 10.37 14.13
C TYR B 157 -12.03 11.86 13.96
N PRO B 158 -12.95 12.63 13.38
CA PRO B 158 -14.26 12.25 12.82
C PRO B 158 -14.23 12.08 11.31
N CYS B 159 -13.29 11.30 10.77
CA CYS B 159 -13.08 11.27 9.32
C CYS B 159 -14.30 10.72 8.59
N ALA B 160 -14.89 9.63 9.11
CA ALA B 160 -16.05 9.04 8.46
C ALA B 160 -17.25 9.98 8.48
N TYR B 161 -17.42 10.72 9.58
CA TYR B 161 -18.56 11.63 9.70
C TYR B 161 -18.41 12.83 8.79
N ASP B 162 -17.20 13.13 8.33
CA ASP B 162 -16.97 14.19 7.34
C ASP B 162 -17.11 13.66 5.92
N ASP B 163 -16.66 12.43 5.68
CA ASP B 163 -16.88 11.81 4.37
C ASP B 163 -18.37 11.67 4.07
N GLY B 164 -19.16 11.28 5.08
CA GLY B 164 -20.59 11.19 4.87
C GLY B 164 -21.23 12.53 4.53
N TRP B 165 -20.83 13.58 5.24
CA TRP B 165 -21.38 14.91 4.97
C TRP B 165 -21.02 15.39 3.58
N ILE B 166 -19.77 15.18 3.15
CA ILE B 166 -19.37 15.58 1.80
C ILE B 166 -20.14 14.79 0.75
N ALA B 167 -20.29 13.48 0.95
CA ALA B 167 -21.04 12.67 -0.01
C ALA B 167 -22.48 13.12 -0.10
N LEU B 168 -23.10 13.46 1.04
CA LEU B 168 -24.48 13.93 1.03
C LEU B 168 -24.60 15.26 0.31
N ASN B 169 -23.67 16.18 0.56
CA ASN B 169 -23.69 17.47 -0.15
C ASN B 169 -23.53 17.28 -1.65
N TRP B 170 -22.75 16.27 -2.06
CA TRP B 170 -22.62 15.98 -3.49
C TRP B 170 -23.92 15.42 -4.05
N VAL B 171 -24.51 14.46 -3.34
CA VAL B 171 -25.71 13.79 -3.84
C VAL B 171 -26.87 14.78 -4.00
N ASN B 172 -26.98 15.72 -3.06
CA ASN B 172 -28.09 16.67 -3.10
C ASN B 172 -27.96 17.70 -4.23
N SER B 173 -26.83 17.74 -4.94
CA SER B 173 -26.62 18.74 -5.98
C SER B 173 -26.77 18.21 -7.40
N ARG B 174 -26.92 16.90 -7.58
CA ARG B 174 -26.97 16.33 -8.93
C ARG B 174 -28.29 16.69 -9.59
N SER B 175 -28.22 17.58 -10.58
CA SER B 175 -29.42 18.02 -11.29
C SER B 175 -30.10 16.89 -12.05
N TRP B 176 -29.38 15.81 -12.34
CA TRP B 176 -29.95 14.67 -13.03
C TRP B 176 -30.59 13.68 -12.09
N LEU B 177 -30.53 13.91 -10.78
CA LEU B 177 -31.19 13.06 -9.80
C LEU B 177 -32.48 13.67 -9.26
N LYS B 178 -32.89 14.83 -9.76
CA LYS B 178 -34.07 15.50 -9.27
C LYS B 178 -35.34 14.80 -9.76
N SER B 179 -36.42 15.01 -9.03
CA SER B 179 -37.71 14.42 -9.35
C SER B 179 -38.63 15.44 -10.00
N LYS B 180 -39.43 14.98 -10.96
CA LYS B 180 -40.32 15.86 -11.71
C LYS B 180 -41.54 16.30 -10.92
N LYS B 181 -41.80 15.71 -9.75
CA LYS B 181 -42.95 16.13 -8.97
C LYS B 181 -42.73 17.50 -8.32
N ASP B 182 -41.55 17.72 -7.73
CA ASP B 182 -41.32 18.95 -6.97
C ASP B 182 -39.95 19.56 -7.19
N SER B 183 -39.18 19.09 -8.18
CA SER B 183 -37.83 19.62 -8.46
C SER B 183 -36.93 19.49 -7.24
N LYS B 184 -36.87 18.28 -6.68
CA LYS B 184 -36.08 18.02 -5.49
C LYS B 184 -35.55 16.59 -5.54
N VAL B 185 -34.55 16.33 -4.72
CA VAL B 185 -33.96 14.99 -4.59
C VAL B 185 -34.43 14.37 -3.29
N HIS B 186 -34.90 13.13 -3.35
CA HIS B 186 -35.45 12.42 -2.21
C HIS B 186 -34.43 11.41 -1.71
N ILE B 187 -33.75 11.75 -0.61
CA ILE B 187 -32.60 11.00 -0.12
C ILE B 187 -33.00 10.16 1.08
N PHE B 188 -32.62 8.87 1.05
CA PHE B 188 -32.82 7.95 2.16
C PHE B 188 -31.44 7.48 2.64
N LEU B 189 -31.07 7.84 3.87
CA LEU B 189 -29.80 7.40 4.43
C LEU B 189 -29.91 5.99 4.97
N ALA B 190 -29.03 5.10 4.52
CA ALA B 190 -29.01 3.71 4.95
C ALA B 190 -27.63 3.34 5.45
N GLY B 191 -27.60 2.54 6.51
CA GLY B 191 -26.33 2.17 7.11
C GLY B 191 -26.35 0.75 7.62
N ASP B 192 -25.18 0.11 7.53
CA ASP B 192 -24.98 -1.24 8.06
C ASP B 192 -23.86 -1.23 9.08
N SER B 193 -24.10 -1.87 10.23
CA SER B 193 -23.14 -1.94 11.32
C SER B 193 -22.65 -0.54 11.70
N SER B 194 -21.35 -0.30 11.59
CA SER B 194 -20.83 1.05 11.79
C SER B 194 -21.42 2.03 10.78
N GLY B 195 -21.88 1.51 9.63
CA GLY B 195 -22.61 2.35 8.70
C GLY B 195 -23.87 2.92 9.30
N GLY B 196 -24.54 2.15 10.16
CA GLY B 196 -25.70 2.68 10.86
C GLY B 196 -25.34 3.83 11.79
N ASN B 197 -24.19 3.71 12.46
CA ASN B 197 -23.69 4.80 13.29
C ASN B 197 -23.42 6.04 12.45
N ILE B 198 -22.76 5.87 11.31
CA ILE B 198 -22.48 7.00 10.44
C ILE B 198 -23.78 7.60 9.91
N ALA B 199 -24.75 6.75 9.58
CA ALA B 199 -26.03 7.22 9.07
C ALA B 199 -26.77 8.04 10.11
N HIS B 200 -26.77 7.58 11.36
CA HIS B 200 -27.42 8.33 12.44
C HIS B 200 -26.77 9.71 12.60
N ASN B 201 -25.43 9.74 12.62
CA ASN B 201 -24.76 11.02 12.85
C ASN B 201 -24.91 11.96 11.66
N VAL B 202 -24.86 11.43 10.43
CA VAL B 202 -25.02 12.25 9.23
C VAL B 202 -26.46 12.76 9.14
N ALA B 203 -27.44 11.95 9.57
CA ALA B 203 -28.82 12.43 9.59
C ALA B 203 -28.99 13.54 10.62
N LEU B 204 -28.30 13.43 11.76
CA LEU B 204 -28.28 14.54 12.71
C LEU B 204 -27.73 15.81 12.07
N ARG B 205 -26.59 15.69 11.40
CA ARG B 205 -25.99 16.86 10.76
C ARG B 205 -26.88 17.45 9.68
N ALA B 206 -27.50 16.59 8.86
CA ALA B 206 -28.40 17.05 7.81
C ALA B 206 -29.62 17.76 8.39
N GLY B 207 -30.19 17.21 9.45
CA GLY B 207 -31.28 17.90 10.13
C GLY B 207 -30.86 19.24 10.69
N GLU B 208 -29.60 19.35 11.13
CA GLU B 208 -29.11 20.65 11.57
C GLU B 208 -29.09 21.67 10.44
N SER B 209 -28.72 21.25 9.23
CA SER B 209 -28.65 22.12 8.08
C SER B 209 -29.95 22.02 7.26
N GLY B 210 -29.92 22.59 6.06
CA GLY B 210 -31.12 22.68 5.24
C GLY B 210 -31.47 21.46 4.42
N ILE B 211 -30.61 20.43 4.42
CA ILE B 211 -30.92 19.22 3.66
C ILE B 211 -32.04 18.46 4.37
N ASP B 212 -33.01 18.02 3.59
CA ASP B 212 -34.20 17.35 4.11
C ASP B 212 -34.11 15.86 3.80
N VAL B 213 -33.53 15.09 4.73
CA VAL B 213 -33.54 13.65 4.63
C VAL B 213 -34.91 13.14 5.04
N LEU B 214 -35.48 12.24 4.24
CA LEU B 214 -36.84 11.77 4.46
C LEU B 214 -36.94 10.51 5.27
N GLY B 215 -35.92 9.65 5.26
CA GLY B 215 -35.98 8.39 5.99
C GLY B 215 -34.62 7.99 6.48
N ASN B 216 -34.59 6.95 7.31
CA ASN B 216 -33.33 6.45 7.85
C ASN B 216 -33.46 4.95 8.06
N ILE B 217 -32.47 4.19 7.60
CA ILE B 217 -32.48 2.73 7.72
C ILE B 217 -31.21 2.31 8.44
N LEU B 218 -31.36 1.54 9.52
CA LEU B 218 -30.23 1.05 10.30
C LEU B 218 -30.30 -0.48 10.37
N LEU B 219 -29.25 -1.14 9.92
CA LEU B 219 -29.14 -2.60 10.00
C LEU B 219 -28.05 -2.93 11.02
N ASN B 220 -28.49 -3.35 12.21
CA ASN B 220 -27.58 -3.67 13.31
C ASN B 220 -26.60 -2.53 13.61
N PRO B 221 -27.10 -1.36 13.98
CA PRO B 221 -26.20 -0.21 14.19
C PRO B 221 -25.22 -0.47 15.33
N MET B 222 -24.04 0.12 15.22
CA MET B 222 -22.94 -0.11 16.14
C MET B 222 -22.97 0.96 17.23
N PHE B 223 -23.47 0.59 18.40
CA PHE B 223 -23.48 1.44 19.57
C PHE B 223 -23.01 0.64 20.78
N GLY B 224 -22.48 1.34 21.77
CA GLY B 224 -21.96 0.67 22.95
C GLY B 224 -21.98 1.54 24.18
N GLY B 225 -21.34 1.08 25.25
CA GLY B 225 -21.30 1.84 26.49
C GLY B 225 -20.33 1.22 27.47
N ASN B 226 -20.11 1.96 28.56
CA ASN B 226 -19.18 1.52 29.59
C ASN B 226 -19.69 0.27 30.30
N GLU B 227 -20.96 0.28 30.69
CA GLU B 227 -21.51 -0.81 31.48
C GLU B 227 -21.67 -2.07 30.62
N ARG B 228 -21.70 -3.21 31.30
CA ARG B 228 -21.85 -4.51 30.66
C ARG B 228 -23.31 -4.94 30.77
N THR B 229 -24.02 -4.91 29.65
CA THR B 229 -25.41 -5.34 29.62
C THR B 229 -25.49 -6.86 29.69
N GLU B 230 -26.69 -7.36 29.99
CA GLU B 230 -26.86 -8.79 30.21
C GLU B 230 -26.60 -9.60 28.94
N SER B 231 -26.86 -9.02 27.76
CA SER B 231 -26.54 -9.73 26.52
C SER B 231 -25.05 -9.93 26.35
N GLU B 232 -24.24 -8.93 26.76
CA GLU B 232 -22.79 -9.07 26.64
C GLU B 232 -22.27 -10.18 27.54
N LYS B 233 -22.78 -10.27 28.77
CA LYS B 233 -22.34 -11.33 29.67
C LYS B 233 -22.83 -12.69 29.20
N SER B 234 -24.12 -12.80 28.89
CA SER B 234 -24.67 -14.09 28.48
C SER B 234 -24.16 -14.51 27.12
N LEU B 235 -24.21 -13.61 26.14
CA LEU B 235 -23.71 -13.88 24.79
C LEU B 235 -22.31 -13.30 24.68
N ASP B 236 -21.29 -14.14 24.84
CA ASP B 236 -19.90 -13.73 24.76
C ASP B 236 -19.12 -14.84 24.10
N GLY B 237 -18.77 -14.65 22.84
CA GLY B 237 -18.08 -15.67 22.07
C GLY B 237 -18.98 -16.76 21.54
N LYS B 238 -20.29 -16.69 21.81
CA LYS B 238 -21.21 -17.73 21.37
C LYS B 238 -21.50 -17.64 19.88
N TYR B 239 -21.67 -16.43 19.35
CA TYR B 239 -21.98 -16.22 17.92
C TYR B 239 -21.01 -15.17 17.36
N PHE B 240 -19.81 -15.63 17.00
CA PHE B 240 -18.89 -14.91 16.13
C PHE B 240 -18.36 -13.60 16.69
N VAL B 241 -18.82 -13.16 17.86
CA VAL B 241 -18.43 -11.86 18.40
C VAL B 241 -18.04 -12.02 19.86
N THR B 242 -16.96 -11.35 20.26
CA THR B 242 -16.48 -11.31 21.63
C THR B 242 -16.35 -9.87 22.08
N VAL B 243 -16.47 -9.65 23.39
CA VAL B 243 -16.32 -8.31 23.95
C VAL B 243 -14.90 -7.80 23.81
N ARG B 244 -13.92 -8.69 23.71
CA ARG B 244 -12.52 -8.29 23.58
C ARG B 244 -12.31 -7.50 22.29
N ASP B 245 -12.75 -8.04 21.15
CA ASP B 245 -12.56 -7.34 19.89
C ASP B 245 -13.48 -6.14 19.77
N ARG B 246 -14.65 -6.17 20.40
CA ARG B 246 -15.50 -4.99 20.43
C ARG B 246 -14.78 -3.84 21.12
N ASP B 247 -14.15 -4.12 22.27
CA ASP B 247 -13.40 -3.10 22.98
C ASP B 247 -12.18 -2.66 22.18
N TRP B 248 -11.52 -3.60 21.49
CA TRP B 248 -10.42 -3.25 20.60
C TRP B 248 -10.84 -2.23 19.56
N TYR B 249 -11.95 -2.51 18.88
CA TYR B 249 -12.41 -1.62 17.81
C TYR B 249 -12.86 -0.27 18.36
N TRP B 250 -13.52 -0.26 19.52
CA TRP B 250 -13.92 1.02 20.10
C TRP B 250 -12.68 1.82 20.51
N LYS B 251 -11.64 1.15 21.01
CA LYS B 251 -10.40 1.85 21.34
C LYS B 251 -9.73 2.42 20.10
N ALA B 252 -9.72 1.65 19.00
CA ALA B 252 -9.10 2.12 17.77
C ALA B 252 -9.84 3.29 17.17
N PHE B 253 -11.19 3.24 17.16
CA PHE B 253 -11.97 4.29 16.52
C PHE B 253 -11.95 5.59 17.34
N LEU B 254 -12.14 5.48 18.65
CA LEU B 254 -12.37 6.64 19.48
C LEU B 254 -11.10 7.46 19.66
N PRO B 255 -11.23 8.74 20.04
CA PRO B 255 -10.04 9.57 20.29
C PRO B 255 -9.23 9.10 21.49
N GLU B 256 -8.15 9.82 21.81
CA GLU B 256 -7.25 9.43 22.88
C GLU B 256 -7.76 9.96 24.21
N GLY B 257 -7.74 9.10 25.23
CA GLY B 257 -8.16 9.52 26.56
C GLY B 257 -9.65 9.64 26.75
N GLU B 258 -10.45 8.95 25.94
CA GLU B 258 -11.90 8.97 26.06
C GLU B 258 -12.41 7.55 26.30
N ASP B 259 -13.50 7.45 27.05
CA ASP B 259 -14.12 6.18 27.37
C ASP B 259 -15.27 5.90 26.42
N ARG B 260 -15.90 4.74 26.61
CA ARG B 260 -17.00 4.30 25.76
C ARG B 260 -18.29 5.06 26.03
N GLU B 261 -18.28 6.10 26.84
CA GLU B 261 -19.43 6.98 27.00
C GLU B 261 -19.34 8.21 26.12
N HIS B 262 -18.37 8.25 25.21
CA HIS B 262 -18.29 9.33 24.24
C HIS B 262 -19.54 9.30 23.35
N PRO B 263 -20.09 10.47 23.01
CA PRO B 263 -21.35 10.49 22.25
C PRO B 263 -21.30 9.73 20.93
N ALA B 264 -20.12 9.64 20.30
CA ALA B 264 -19.99 8.83 19.10
C ALA B 264 -20.20 7.35 19.38
N CYS B 265 -20.03 6.92 20.64
CA CYS B 265 -20.27 5.54 21.01
C CYS B 265 -21.70 5.32 21.47
N ASN B 266 -22.16 6.11 22.44
CA ASN B 266 -23.52 6.03 22.94
C ASN B 266 -24.24 7.35 22.66
N PRO B 267 -25.22 7.38 21.75
CA PRO B 267 -25.88 8.66 21.43
C PRO B 267 -26.67 9.26 22.57
N PHE B 268 -27.06 8.47 23.57
CA PHE B 268 -27.90 8.96 24.66
C PHE B 268 -27.11 9.12 25.97
N SER B 269 -25.81 9.37 25.85
CA SER B 269 -24.99 9.66 27.02
C SER B 269 -25.30 11.05 27.56
N PRO B 270 -25.00 11.30 28.84
CA PRO B 270 -25.23 12.64 29.38
C PRO B 270 -24.46 13.74 28.66
N ARG B 271 -23.26 13.44 28.14
CA ARG B 271 -22.51 14.40 27.36
C ARG B 271 -23.04 14.56 25.93
N GLY B 272 -23.97 13.72 25.51
CA GLY B 272 -24.50 13.80 24.17
C GLY B 272 -25.46 14.95 23.95
N LYS B 273 -26.32 14.83 22.95
CA LYS B 273 -27.31 15.85 22.64
C LYS B 273 -28.71 15.26 22.68
N SER B 274 -29.66 16.10 23.07
CA SER B 274 -31.05 15.68 23.27
C SER B 274 -31.81 15.73 21.95
N LEU B 275 -32.66 14.71 21.74
CA LEU B 275 -33.47 14.60 20.54
C LEU B 275 -34.90 15.09 20.76
N GLU B 276 -35.09 16.09 21.63
CA GLU B 276 -36.38 16.73 21.86
C GLU B 276 -36.38 18.10 21.22
N GLY B 277 -37.45 18.41 20.49
CA GLY B 277 -37.47 19.61 19.67
C GLY B 277 -36.50 19.59 18.53
N VAL B 278 -36.24 18.42 17.95
CA VAL B 278 -35.26 18.24 16.90
C VAL B 278 -35.91 17.49 15.75
N SER B 279 -35.78 18.03 14.54
CA SER B 279 -36.33 17.41 13.35
C SER B 279 -35.46 16.24 12.93
N PHE B 280 -36.03 15.04 12.92
CA PHE B 280 -35.34 13.80 12.58
C PHE B 280 -36.17 13.00 11.61
N PRO B 281 -35.54 12.27 10.70
CA PRO B 281 -36.30 11.41 9.78
C PRO B 281 -36.91 10.22 10.51
N LYS B 282 -37.93 9.64 9.88
CA LYS B 282 -38.50 8.40 10.39
C LYS B 282 -37.50 7.27 10.22
N SER B 283 -37.39 6.44 11.26
CA SER B 283 -36.33 5.44 11.37
C SER B 283 -36.89 4.03 11.23
N LEU B 284 -36.12 3.18 10.57
CA LEU B 284 -36.38 1.74 10.49
C LEU B 284 -35.15 1.03 11.03
N VAL B 285 -35.26 0.49 12.24
CA VAL B 285 -34.14 -0.11 12.95
C VAL B 285 -34.35 -1.61 12.98
N VAL B 286 -33.40 -2.36 12.41
CA VAL B 286 -33.48 -3.82 12.39
C VAL B 286 -32.47 -4.34 13.41
N VAL B 287 -32.99 -5.01 14.45
CA VAL B 287 -32.17 -5.47 15.57
C VAL B 287 -32.14 -7.00 15.53
N ALA B 288 -30.93 -7.55 15.50
CA ALA B 288 -30.76 -8.99 15.54
C ALA B 288 -30.90 -9.51 16.97
N GLY B 289 -31.44 -10.72 17.09
CA GLY B 289 -31.68 -11.33 18.38
C GLY B 289 -30.45 -11.90 19.03
N LEU B 290 -29.77 -12.80 18.32
CA LEU B 290 -28.55 -13.42 18.83
C LEU B 290 -27.32 -12.56 18.56
N ASP B 291 -27.40 -11.30 18.99
CA ASP B 291 -26.32 -10.34 18.83
C ASP B 291 -25.74 -10.03 20.21
N LEU B 292 -24.42 -9.88 20.26
CA LEU B 292 -23.74 -9.58 21.52
C LEU B 292 -24.17 -8.22 22.08
N ILE B 293 -24.57 -7.29 21.22
CA ILE B 293 -24.86 -5.93 21.63
C ILE B 293 -26.32 -5.60 21.38
N ARG B 294 -27.19 -6.62 21.51
CA ARG B 294 -28.61 -6.43 21.25
C ARG B 294 -29.23 -5.42 22.21
N ASP B 295 -28.79 -5.43 23.47
CA ASP B 295 -29.38 -4.54 24.47
C ASP B 295 -29.14 -3.07 24.11
N TRP B 296 -27.97 -2.75 23.59
CA TRP B 296 -27.67 -1.38 23.18
C TRP B 296 -28.57 -0.93 22.03
N GLN B 297 -28.82 -1.82 21.06
CA GLN B 297 -29.68 -1.47 19.94
C GLN B 297 -31.13 -1.29 20.39
N LEU B 298 -31.61 -2.17 21.27
CA LEU B 298 -32.95 -2.01 21.80
C LEU B 298 -33.07 -0.73 22.61
N ALA B 299 -32.03 -0.38 23.36
CA ALA B 299 -32.02 0.88 24.11
C ALA B 299 -32.03 2.07 23.16
N TYR B 300 -31.33 1.97 22.02
CA TYR B 300 -31.37 3.04 21.03
C TYR B 300 -32.78 3.22 20.48
N ALA B 301 -33.44 2.12 20.14
CA ALA B 301 -34.82 2.20 19.65
C ALA B 301 -35.74 2.82 20.71
N GLU B 302 -35.58 2.40 21.97
CA GLU B 302 -36.42 2.94 23.04
C GLU B 302 -36.15 4.43 23.25
N GLY B 303 -34.89 4.84 23.17
CA GLY B 303 -34.56 6.25 23.32
C GLY B 303 -35.09 7.09 22.17
N LEU B 304 -35.21 6.49 20.98
CA LEU B 304 -35.89 7.17 19.88
C LEU B 304 -37.38 7.29 20.16
N LYS B 305 -38.01 6.22 20.66
CA LYS B 305 -39.45 6.25 20.93
C LYS B 305 -39.78 7.27 22.01
N LYS B 306 -38.97 7.35 23.06
CA LYS B 306 -39.27 8.21 24.19
C LYS B 306 -38.79 9.65 24.00
N ALA B 307 -38.09 9.95 22.91
CA ALA B 307 -37.64 11.31 22.64
C ALA B 307 -38.64 12.12 21.83
N GLY B 308 -39.77 11.53 21.46
CA GLY B 308 -40.74 12.21 20.64
C GLY B 308 -40.59 11.99 19.15
N GLN B 309 -39.84 10.98 18.73
CA GLN B 309 -39.57 10.72 17.33
C GLN B 309 -40.27 9.44 16.88
N GLU B 310 -40.20 9.20 15.57
CA GLU B 310 -40.86 8.08 14.93
C GLU B 310 -39.83 7.00 14.59
N VAL B 311 -40.20 5.75 14.85
CA VAL B 311 -39.30 4.63 14.63
C VAL B 311 -40.13 3.36 14.53
N LYS B 312 -39.74 2.48 13.60
CA LYS B 312 -40.38 1.17 13.42
C LYS B 312 -39.33 0.11 13.76
N LEU B 313 -39.43 -0.46 14.96
CA LEU B 313 -38.46 -1.44 15.41
C LEU B 313 -38.79 -2.82 14.83
N MET B 314 -37.75 -3.51 14.37
CA MET B 314 -37.87 -4.83 13.75
C MET B 314 -36.94 -5.78 14.51
N HIS B 315 -37.44 -6.38 15.58
CA HIS B 315 -36.63 -7.26 16.42
C HIS B 315 -36.84 -8.69 15.96
N LEU B 316 -35.79 -9.29 15.41
CA LEU B 316 -35.82 -10.67 14.93
C LEU B 316 -35.17 -11.56 15.99
N GLU B 317 -35.89 -12.58 16.43
CA GLU B 317 -35.48 -13.31 17.63
C GLU B 317 -34.23 -14.15 17.40
N LYS B 318 -34.15 -14.85 16.28
CA LYS B 318 -33.08 -15.81 16.02
C LYS B 318 -32.13 -15.34 14.92
N ALA B 319 -31.85 -14.05 14.86
CA ALA B 319 -31.01 -13.47 13.83
C ALA B 319 -29.63 -13.15 14.40
N THR B 320 -28.58 -13.65 13.76
CA THR B 320 -27.22 -13.30 14.11
C THR B 320 -26.76 -12.11 13.27
N VAL B 321 -25.47 -11.82 13.28
CA VAL B 321 -24.92 -10.77 12.43
C VAL B 321 -24.70 -11.34 11.03
N GLY B 322 -24.81 -10.47 10.03
CA GLY B 322 -24.57 -10.86 8.66
C GLY B 322 -25.64 -11.70 8.01
N PHE B 323 -26.88 -11.63 8.50
CA PHE B 323 -27.96 -12.36 7.86
C PHE B 323 -28.37 -11.76 6.52
N TYR B 324 -28.00 -10.50 6.27
CA TYR B 324 -28.37 -9.79 5.06
C TYR B 324 -27.37 -9.94 3.93
N LEU B 325 -26.30 -10.71 4.13
CA LEU B 325 -25.28 -10.90 3.12
C LEU B 325 -25.53 -12.10 2.21
N LEU B 326 -26.58 -12.89 2.49
CA LEU B 326 -26.93 -14.02 1.65
C LEU B 326 -28.45 -14.13 1.60
N PRO B 327 -29.02 -14.40 0.42
CA PRO B 327 -30.47 -14.56 0.29
C PRO B 327 -30.93 -16.00 0.48
N ASN B 328 -30.59 -16.58 1.63
CA ASN B 328 -30.95 -17.97 1.91
C ASN B 328 -31.70 -18.12 3.23
N ASN B 329 -32.24 -17.03 3.77
CA ASN B 329 -32.97 -17.07 5.03
C ASN B 329 -34.20 -16.18 4.94
N ASN B 330 -35.18 -16.47 5.80
CA ASN B 330 -36.42 -15.71 5.80
C ASN B 330 -36.23 -14.30 6.34
N HIS B 331 -35.25 -14.12 7.23
CA HIS B 331 -35.01 -12.79 7.78
C HIS B 331 -34.62 -11.80 6.69
N PHE B 332 -33.79 -12.24 5.74
CA PHE B 332 -33.38 -11.36 4.66
C PHE B 332 -34.58 -10.92 3.82
N HIS B 333 -35.46 -11.86 3.48
CA HIS B 333 -36.63 -11.53 2.68
C HIS B 333 -37.58 -10.59 3.43
N ASN B 334 -37.82 -10.86 4.72
CA ASN B 334 -38.69 -9.98 5.50
C ASN B 334 -38.10 -8.58 5.59
N VAL B 335 -36.81 -8.47 5.86
CA VAL B 335 -36.18 -7.16 5.98
C VAL B 335 -36.21 -6.42 4.65
N MET B 336 -35.97 -7.13 3.54
CA MET B 336 -35.98 -6.46 2.24
C MET B 336 -37.38 -5.98 1.87
N ASP B 337 -38.40 -6.81 2.15
CA ASP B 337 -39.77 -6.37 1.91
C ASP B 337 -40.12 -5.15 2.75
N GLU B 338 -39.70 -5.14 4.01
CA GLU B 338 -39.97 -3.98 4.87
C GLU B 338 -39.24 -2.74 4.38
N ILE B 339 -38.00 -2.91 3.89
CA ILE B 339 -37.25 -1.77 3.37
C ILE B 339 -37.94 -1.21 2.12
N SER B 340 -38.39 -2.10 1.23
CA SER B 340 -39.07 -1.66 0.01
C SER B 340 -40.37 -0.93 0.34
N ALA B 341 -41.14 -1.44 1.31
CA ALA B 341 -42.36 -0.76 1.72
C ALA B 341 -42.05 0.57 2.40
N PHE B 342 -40.95 0.64 3.15
CA PHE B 342 -40.53 1.87 3.80
C PHE B 342 -40.10 2.93 2.79
N VAL B 343 -39.50 2.50 1.68
CA VAL B 343 -38.97 3.45 0.71
C VAL B 343 -40.07 3.98 -0.19
N ASN B 344 -40.88 3.09 -0.76
CA ASN B 344 -41.94 3.47 -1.69
C ASN B 344 -43.23 3.78 -0.93
N ALA B 345 -43.14 4.76 -0.05
CA ALA B 345 -44.29 5.18 0.75
C ALA B 345 -44.54 6.67 0.62
N GLY C 33 36.85 21.81 27.79
CA GLY C 33 37.48 22.02 26.52
C GLY C 33 37.05 21.03 25.45
N PHE C 34 35.74 20.82 25.35
CA PHE C 34 35.22 19.90 24.34
C PHE C 34 35.44 20.41 22.92
N SER C 35 35.85 21.67 22.77
CA SER C 35 36.08 22.26 21.46
C SER C 35 37.29 21.67 20.74
N ASN C 36 38.17 20.98 21.47
CA ASN C 36 39.37 20.40 20.88
C ASN C 36 39.44 18.91 21.15
N LEU C 37 38.30 18.23 21.08
CA LEU C 37 38.27 16.78 21.24
C LEU C 37 38.89 16.11 20.02
N ASP C 38 39.56 14.98 20.26
CA ASP C 38 40.16 14.21 19.18
C ASP C 38 39.13 13.25 18.58
N GLU C 39 39.53 12.56 17.51
CA GLU C 39 38.58 11.77 16.73
C GLU C 39 38.00 10.61 17.53
N ASN C 40 38.85 9.91 18.28
CA ASN C 40 38.38 8.75 19.03
C ASN C 40 37.37 9.15 20.11
N LEU C 41 37.63 10.25 20.81
CA LEU C 41 36.69 10.70 21.83
C LEU C 41 35.36 11.14 21.22
N VAL C 42 35.40 11.84 20.09
CA VAL C 42 34.18 12.26 19.42
C VAL C 42 33.38 11.03 18.97
N TYR C 43 34.06 10.03 18.42
CA TYR C 43 33.37 8.80 18.03
C TYR C 43 32.76 8.12 19.24
N GLU C 44 33.50 8.08 20.36
CA GLU C 44 32.98 7.46 21.57
C GLU C 44 31.72 8.16 22.05
N VAL C 45 31.72 9.49 22.01
CA VAL C 45 30.54 10.26 22.42
C VAL C 45 29.37 9.98 21.47
N LEU C 46 29.65 9.93 20.16
CA LEU C 46 28.60 9.82 19.16
C LEU C 46 28.07 8.41 18.98
N LYS C 47 28.68 7.40 19.60
CA LYS C 47 28.04 6.09 19.52
C LYS C 47 26.70 6.03 20.24
N HIS C 48 26.35 7.03 21.04
CA HIS C 48 25.13 6.97 21.84
C HIS C 48 24.12 8.03 21.43
N VAL C 49 23.90 8.20 20.12
CA VAL C 49 22.88 9.09 19.60
C VAL C 49 22.09 8.34 18.53
N ASP C 50 21.08 9.01 18.00
CA ASP C 50 20.24 8.47 16.93
C ASP C 50 20.52 9.24 15.63
N ALA C 51 19.75 8.90 14.59
CA ALA C 51 20.01 9.45 13.27
C ALA C 51 19.84 10.95 13.25
N LYS C 52 18.77 11.45 13.85
CA LYS C 52 18.54 12.90 13.89
C LYS C 52 19.69 13.61 14.58
N THR C 53 20.12 13.09 15.73
CA THR C 53 21.18 13.75 16.49
C THR C 53 22.51 13.70 15.77
N LEU C 54 22.82 12.57 15.13
CA LEU C 54 24.11 12.46 14.44
C LEU C 54 24.15 13.37 13.23
N ALA C 55 23.11 13.32 12.39
CA ALA C 55 23.04 14.22 11.24
C ALA C 55 22.92 15.67 11.68
N MET C 56 22.50 15.92 12.91
CA MET C 56 22.46 17.28 13.42
C MET C 56 23.86 17.74 13.80
N SER C 57 24.58 16.93 14.59
CA SER C 57 25.93 17.26 15.01
C SER C 57 26.93 17.29 13.85
N SER C 58 26.60 16.64 12.72
CA SER C 58 27.49 16.66 11.57
C SER C 58 27.69 18.05 11.01
N CYS C 59 26.85 19.02 11.38
CA CYS C 59 26.99 20.39 10.95
C CYS C 59 27.62 21.28 12.03
N VAL C 60 28.19 20.69 13.08
CA VAL C 60 28.77 21.49 14.16
C VAL C 60 30.09 22.12 13.72
N SER C 61 30.99 21.32 13.15
CA SER C 61 32.29 21.80 12.72
C SER C 61 32.91 20.76 11.80
N LYS C 62 34.16 21.01 11.40
CA LYS C 62 34.82 20.20 10.39
C LYS C 62 35.28 18.85 10.94
N ILE C 63 35.85 18.82 12.14
CA ILE C 63 36.28 17.56 12.73
C ILE C 63 35.07 16.71 13.12
N TRP C 64 34.05 17.35 13.69
CA TRP C 64 32.79 16.65 13.94
C TRP C 64 32.21 16.11 12.65
N HIS C 65 32.32 16.90 11.57
CA HIS C 65 31.85 16.44 10.27
C HIS C 65 32.61 15.19 9.83
N LYS C 66 33.94 15.22 9.94
CA LYS C 66 34.75 14.10 9.49
C LYS C 66 34.41 12.84 10.30
N THR C 67 34.27 12.98 11.61
CA THR C 67 33.94 11.82 12.44
C THR C 67 32.51 11.34 12.21
N ALA C 68 31.61 12.23 11.79
CA ALA C 68 30.22 11.86 11.64
C ALA C 68 29.99 10.98 10.41
N GLN C 69 30.85 11.09 9.40
CA GLN C 69 30.71 10.25 8.21
C GLN C 69 31.12 8.82 8.44
N ASP C 70 31.56 8.47 9.65
CA ASP C 70 32.07 7.13 9.90
C ASP C 70 31.01 6.08 9.57
N GLU C 71 31.46 4.98 8.97
CA GLU C 71 30.53 3.94 8.53
C GLU C 71 29.93 3.19 9.71
N ARG C 72 30.69 3.00 10.79
CA ARG C 72 30.19 2.20 11.91
C ARG C 72 28.99 2.85 12.57
N LEU C 73 29.02 4.17 12.75
CA LEU C 73 27.89 4.86 13.36
C LEU C 73 26.61 4.68 12.56
N TRP C 74 26.70 4.89 11.24
CA TRP C 74 25.51 4.77 10.41
C TRP C 74 25.07 3.32 10.27
N GLU C 75 26.00 2.37 10.29
CA GLU C 75 25.57 0.97 10.30
C GLU C 75 24.80 0.67 11.58
N LEU C 76 25.27 1.18 12.72
CA LEU C 76 24.55 0.99 13.97
C LEU C 76 23.17 1.61 13.90
N ILE C 77 23.06 2.82 13.34
CA ILE C 77 21.75 3.46 13.23
C ILE C 77 20.82 2.66 12.34
N CYS C 78 21.31 2.22 11.17
CA CYS C 78 20.46 1.50 10.23
C CYS C 78 20.02 0.15 10.79
N THR C 79 20.91 -0.56 11.48
CA THR C 79 20.57 -1.85 12.05
C THR C 79 19.82 -1.73 13.37
N ARG C 80 19.78 -0.53 13.96
CA ARG C 80 19.15 -0.36 15.27
C ARG C 80 17.65 -0.66 15.22
N HIS C 81 16.96 -0.18 14.19
CA HIS C 81 15.51 -0.36 14.08
C HIS C 81 15.13 -1.50 13.15
N TRP C 82 16.07 -2.40 12.84
CA TRP C 82 15.75 -3.56 12.03
C TRP C 82 15.43 -4.77 12.91
N THR C 83 16.39 -5.22 13.71
CA THR C 83 16.18 -6.18 14.79
C THR C 83 15.62 -7.53 14.32
N ASN C 84 15.47 -7.71 13.01
CA ASN C 84 14.89 -8.94 12.49
C ASN C 84 15.62 -9.52 11.29
N ILE C 85 16.50 -8.74 10.63
CA ILE C 85 17.19 -9.23 9.45
C ILE C 85 18.31 -10.18 9.86
N GLY C 86 18.56 -11.19 9.04
CA GLY C 86 19.75 -11.98 9.21
C GLY C 86 20.30 -12.61 7.96
N CYS C 87 21.54 -12.28 7.63
CA CYS C 87 22.33 -13.02 6.67
C CYS C 87 23.81 -13.05 7.02
N GLY C 88 24.20 -12.48 8.15
CA GLY C 88 25.60 -12.27 8.45
C GLY C 88 25.98 -10.82 8.25
N GLN C 89 26.52 -10.18 9.29
CA GLN C 89 26.83 -8.75 9.20
C GLN C 89 27.95 -8.48 8.20
N ASN C 90 28.85 -9.44 7.99
CA ASN C 90 29.96 -9.23 7.07
C ASN C 90 29.47 -9.03 5.65
N GLN C 91 28.60 -9.95 5.18
CA GLN C 91 28.10 -9.86 3.81
C GLN C 91 27.30 -8.58 3.60
N LEU C 92 26.43 -8.25 4.54
CA LEU C 92 25.60 -7.05 4.41
C LEU C 92 26.46 -5.80 4.39
N ARG C 93 27.45 -5.72 5.31
CA ARG C 93 28.29 -4.53 5.36
C ARG C 93 29.10 -4.38 4.08
N SER C 94 29.66 -5.49 3.57
CA SER C 94 30.43 -5.42 2.34
C SER C 94 29.56 -4.97 1.16
N VAL C 95 28.38 -5.57 1.02
CA VAL C 95 27.51 -5.24 -0.11
C VAL C 95 27.07 -3.79 -0.03
N VAL C 96 26.65 -3.33 1.16
CA VAL C 96 26.15 -1.97 1.28
C VAL C 96 27.26 -0.95 1.08
N LEU C 97 28.47 -1.26 1.54
CA LEU C 97 29.58 -0.32 1.30
C LEU C 97 30.03 -0.34 -0.15
N ALA C 98 29.79 -1.45 -0.87
CA ALA C 98 30.11 -1.49 -2.28
C ALA C 98 29.15 -0.64 -3.11
N LEU C 99 27.90 -0.49 -2.65
CA LEU C 99 26.86 0.16 -3.43
C LEU C 99 26.60 1.60 -3.01
N GLY C 100 27.38 2.15 -2.08
CA GLY C 100 27.17 3.53 -1.69
C GLY C 100 27.33 3.81 -0.20
N GLY C 101 27.05 2.83 0.63
CA GLY C 101 27.23 2.97 2.07
C GLY C 101 25.91 3.01 2.81
N PHE C 102 26.03 3.15 4.13
CA PHE C 102 24.87 3.19 5.02
C PHE C 102 24.28 4.59 5.17
N ARG C 103 25.09 5.64 5.02
CA ARG C 103 24.54 6.99 5.09
C ARG C 103 23.53 7.23 3.98
N ARG C 104 23.85 6.80 2.75
CA ARG C 104 22.89 6.90 1.65
C ARG C 104 21.69 5.99 1.86
N LEU C 105 21.93 4.77 2.34
CA LEU C 105 20.83 3.85 2.62
C LEU C 105 19.84 4.45 3.62
N HIS C 106 20.34 5.25 4.56
CA HIS C 106 19.44 5.90 5.51
C HIS C 106 18.76 7.11 4.88
N SER C 107 19.56 8.04 4.36
CA SER C 107 19.02 9.31 3.90
C SER C 107 18.01 9.14 2.77
N LEU C 108 18.33 8.30 1.78
CA LEU C 108 17.50 8.25 0.58
C LEU C 108 16.18 7.55 0.83
N TYR C 109 16.21 6.39 1.48
CA TYR C 109 14.99 5.60 1.49
C TYR C 109 14.51 5.22 2.89
N LEU C 110 15.42 4.98 3.83
CA LEU C 110 15.01 4.52 5.16
C LEU C 110 14.23 5.61 5.90
N TRP C 111 14.73 6.84 5.86
CA TRP C 111 14.03 7.93 6.55
C TRP C 111 12.64 8.19 6.00
N PRO C 112 12.41 8.26 4.68
CA PRO C 112 11.02 8.40 4.21
C PRO C 112 10.11 7.25 4.64
N LEU C 113 10.62 6.03 4.72
CA LEU C 113 9.80 4.93 5.21
C LEU C 113 9.49 5.09 6.69
N SER C 114 10.43 5.61 7.46
CA SER C 114 10.21 5.80 8.89
C SER C 114 9.41 7.06 9.22
N LYS C 115 9.24 7.97 8.26
CA LYS C 115 8.53 9.21 8.55
C LYS C 115 7.08 8.99 8.98
N PRO C 116 6.26 8.18 8.31
CA PRO C 116 4.87 8.02 8.74
C PRO C 116 4.65 6.92 9.77
N ASN C 117 5.63 6.06 10.02
CA ASN C 117 5.53 5.00 11.03
C ASN C 117 6.77 5.04 11.90
N PRO C 118 6.92 6.08 12.72
CA PRO C 118 8.13 6.18 13.55
C PRO C 118 8.29 5.02 14.53
N ARG C 119 7.17 4.48 15.04
CA ARG C 119 7.25 3.41 16.03
C ARG C 119 7.46 2.04 15.39
N ALA C 120 7.05 1.88 14.13
CA ALA C 120 7.16 0.59 13.48
C ALA C 120 8.62 0.21 13.24
N ARG C 121 8.92 -1.08 13.41
CA ARG C 121 10.25 -1.61 13.18
C ARG C 121 10.30 -2.26 11.80
N PHE C 122 11.30 -1.90 11.01
CA PHE C 122 11.45 -2.49 9.68
C PHE C 122 11.85 -3.95 9.80
N GLY C 123 11.18 -4.80 9.02
CA GLY C 123 11.44 -6.22 9.06
C GLY C 123 12.28 -6.71 7.91
N LYS C 124 11.70 -7.52 7.04
CA LYS C 124 12.40 -8.15 5.93
C LYS C 124 12.17 -7.44 4.60
N ASP C 125 10.94 -7.04 4.31
CA ASP C 125 10.64 -6.45 3.00
C ASP C 125 11.21 -5.05 2.87
N GLU C 126 11.33 -4.30 3.97
CA GLU C 126 11.90 -2.96 3.89
C GLU C 126 13.36 -2.99 3.46
N LEU C 127 14.12 -3.95 3.99
CA LEU C 127 15.51 -4.12 3.55
C LEU C 127 15.58 -4.49 2.08
N LYS C 128 14.72 -5.40 1.63
CA LYS C 128 14.68 -5.79 0.22
C LYS C 128 14.38 -4.60 -0.68
N LEU C 129 13.43 -3.75 -0.29
CA LEU C 129 13.10 -2.59 -1.10
C LEU C 129 14.25 -1.59 -1.12
N THR C 130 14.81 -1.28 0.05
CA THR C 130 15.83 -0.23 0.15
C THR C 130 17.11 -0.63 -0.57
N LEU C 131 17.55 -1.88 -0.42
CA LEU C 131 18.77 -2.31 -1.08
C LEU C 131 18.59 -2.39 -2.59
N SER C 132 17.39 -2.77 -3.05
CA SER C 132 17.11 -2.76 -4.48
C SER C 132 17.17 -1.34 -5.03
N LEU C 133 16.60 -0.38 -4.30
CA LEU C 133 16.70 1.01 -4.73
C LEU C 133 18.15 1.48 -4.78
N LEU C 134 18.96 1.06 -3.80
CA LEU C 134 20.38 1.41 -3.82
C LEU C 134 21.09 0.82 -5.03
N SER C 135 20.81 -0.45 -5.35
CA SER C 135 21.41 -1.07 -6.53
C SER C 135 21.04 -0.34 -7.80
N ILE C 136 19.76 0.03 -7.93
CA ILE C 136 19.31 0.75 -9.12
C ILE C 136 20.03 2.10 -9.21
N ARG C 137 20.13 2.83 -8.10
CA ARG C 137 20.79 4.12 -8.14
C ARG C 137 22.27 3.99 -8.49
N TYR C 138 22.93 2.98 -7.94
CA TYR C 138 24.35 2.75 -8.26
C TYR C 138 24.53 2.46 -9.75
N TYR C 139 23.68 1.61 -10.31
CA TYR C 139 23.78 1.33 -11.74
C TYR C 139 23.51 2.56 -12.58
N GLU C 140 22.53 3.37 -12.20
CA GLU C 140 22.23 4.58 -12.97
C GLU C 140 23.38 5.57 -12.92
N LYS C 141 23.92 5.83 -11.73
CA LYS C 141 24.99 6.81 -11.58
C LYS C 141 26.34 6.28 -12.02
N MET C 142 26.45 4.98 -12.30
CA MET C 142 27.72 4.41 -12.73
C MET C 142 28.20 5.06 -14.02
N SER C 143 27.29 5.28 -14.96
CA SER C 143 27.64 5.95 -16.21
C SER C 143 27.26 7.43 -16.15
N LYS D 8 45.97 -5.13 48.05
CA LYS D 8 46.49 -3.90 48.64
C LYS D 8 47.58 -3.30 47.76
N ILE D 9 47.28 -2.16 47.13
CA ILE D 9 48.17 -1.48 46.20
C ILE D 9 48.03 0.02 46.41
N THR D 10 49.15 0.73 46.23
CA THR D 10 49.19 2.17 46.40
C THR D 10 49.45 2.83 45.04
N LEU D 11 48.52 3.68 44.61
CA LEU D 11 48.64 4.47 43.41
C LEU D 11 48.97 5.91 43.79
N LYS D 12 50.00 6.47 43.18
CA LYS D 12 50.41 7.83 43.46
C LYS D 12 50.11 8.70 42.26
N SER D 13 49.39 9.80 42.50
CA SER D 13 48.90 10.68 41.45
C SER D 13 49.78 11.93 41.36
N SER D 14 49.33 12.89 40.55
CA SER D 14 50.09 14.12 40.34
C SER D 14 50.34 14.85 41.65
N ASP D 15 49.37 14.82 42.56
CA ASP D 15 49.57 15.41 43.88
C ASP D 15 50.65 14.70 44.69
N GLY D 16 50.92 13.43 44.38
CA GLY D 16 51.92 12.67 45.09
C GLY D 16 51.40 11.85 46.26
N GLU D 17 50.15 12.03 46.65
CA GLU D 17 49.58 11.26 47.74
C GLU D 17 49.37 9.82 47.31
N ASN D 18 49.84 8.88 48.13
CA ASN D 18 49.78 7.45 47.80
C ASN D 18 48.42 6.89 48.20
N PHE D 19 47.44 7.11 47.33
CA PHE D 19 46.10 6.60 47.54
C PHE D 19 46.13 5.08 47.54
N GLU D 20 45.68 4.47 48.63
CA GLU D 20 45.69 3.02 48.76
C GLU D 20 44.32 2.45 48.42
N ILE D 21 44.33 1.33 47.70
CA ILE D 21 43.10 0.66 47.29
C ILE D 21 43.40 -0.83 47.22
N ASP D 22 42.35 -1.65 47.36
CA ASP D 22 42.54 -3.08 47.30
C ASP D 22 42.95 -3.51 45.89
N GLU D 23 43.70 -4.61 45.83
CA GLU D 23 44.23 -5.09 44.55
C GLU D 23 43.10 -5.48 43.60
N ALA D 24 42.08 -6.19 44.10
CA ALA D 24 40.96 -6.57 43.26
C ALA D 24 40.18 -5.34 42.79
N VAL D 25 40.08 -4.32 43.64
CA VAL D 25 39.38 -3.09 43.26
C VAL D 25 40.20 -2.31 42.24
N ALA D 26 41.52 -2.27 42.41
CA ALA D 26 42.38 -1.61 41.43
C ALA D 26 42.45 -2.39 40.12
N LEU D 27 42.11 -3.67 40.14
CA LEU D 27 42.14 -4.50 38.93
C LEU D 27 41.07 -4.12 37.92
N GLU D 28 40.11 -3.26 38.28
CA GLU D 28 39.10 -2.84 37.33
C GLU D 28 39.66 -1.98 36.21
N SER D 29 40.87 -1.44 36.37
CA SER D 29 41.51 -0.63 35.34
C SER D 29 42.52 -1.50 34.59
N GLN D 30 42.29 -1.69 33.29
CA GLN D 30 43.12 -2.59 32.50
C GLN D 30 44.56 -2.07 32.39
N THR D 31 44.73 -0.76 32.22
CA THR D 31 46.08 -0.20 32.15
C THR D 31 46.85 -0.45 33.43
N ILE D 32 46.21 -0.22 34.59
CA ILE D 32 46.86 -0.47 35.86
C ILE D 32 47.12 -1.96 36.05
N LYS D 33 46.18 -2.80 35.61
CA LYS D 33 46.34 -4.24 35.74
C LYS D 33 47.55 -4.73 34.95
N HIS D 34 47.73 -4.21 33.73
CA HIS D 34 48.87 -4.61 32.91
C HIS D 34 50.18 -4.15 33.52
N MET D 35 50.22 -2.94 34.06
CA MET D 35 51.43 -2.42 34.67
C MET D 35 51.31 -2.39 36.19
N ILE D 45 54.12 3.53 40.19
CA ILE D 45 53.10 4.01 39.26
C ILE D 45 52.96 5.53 39.37
N PRO D 46 53.81 6.27 38.65
CA PRO D 46 53.76 7.73 38.74
C PRO D 46 52.40 8.33 38.43
N LEU D 47 51.70 7.82 37.43
CA LEU D 47 50.45 8.40 36.95
C LEU D 47 50.55 9.91 36.78
N PRO D 48 51.45 10.39 35.91
CA PRO D 48 51.67 11.84 35.80
C PRO D 48 50.48 12.60 35.23
N ASN D 49 49.54 11.93 34.56
CA ASN D 49 48.45 12.60 33.88
C ASN D 49 47.23 12.78 34.77
N VAL D 50 46.83 11.73 35.49
CA VAL D 50 45.58 11.79 36.24
C VAL D 50 45.77 12.59 37.52
N THR D 51 44.92 13.60 37.71
CA THR D 51 45.00 14.50 38.85
C THR D 51 44.49 13.79 40.10
N SER D 52 44.76 14.42 41.26
CA SER D 52 44.35 13.84 42.53
C SER D 52 42.83 13.74 42.64
N LYS D 53 42.11 14.80 42.26
CA LYS D 53 40.65 14.77 42.37
C LYS D 53 40.06 13.70 41.46
N ILE D 54 40.53 13.62 40.23
CA ILE D 54 40.00 12.64 39.29
C ILE D 54 40.38 11.23 39.71
N LEU D 55 41.58 11.06 40.26
CA LEU D 55 41.96 9.75 40.78
C LEU D 55 41.07 9.34 41.94
N SER D 56 40.73 10.29 42.81
CA SER D 56 39.80 10.01 43.89
C SER D 56 38.44 9.60 43.35
N LYS D 57 37.97 10.29 42.31
CA LYS D 57 36.68 9.96 41.73
C LYS D 57 36.68 8.56 41.12
N VAL D 58 37.75 8.22 40.41
CA VAL D 58 37.85 6.89 39.82
C VAL D 58 37.96 5.82 40.91
N ILE D 59 38.66 6.13 42.00
CA ILE D 59 38.74 5.21 43.13
C ILE D 59 37.35 4.99 43.75
N GLU D 60 36.58 6.07 43.90
CA GLU D 60 35.22 5.93 44.43
C GLU D 60 34.35 5.08 43.51
N TYR D 61 34.45 5.34 42.20
CA TYR D 61 33.68 4.56 41.23
C TYR D 61 34.06 3.07 41.29
N CYS D 62 35.37 2.79 41.33
CA CYS D 62 35.81 1.39 41.38
C CYS D 62 35.38 0.73 42.67
N LYS D 63 35.44 1.45 43.80
CA LYS D 63 35.00 0.90 45.07
C LYS D 63 33.52 0.56 45.03
N ARG D 64 32.69 1.49 44.53
CA ARG D 64 31.26 1.23 44.46
C ARG D 64 30.96 0.06 43.53
N HIS D 65 31.62 -0.01 42.38
CA HIS D 65 31.33 -1.11 41.47
C HIS D 65 31.84 -2.44 42.00
N VAL D 66 32.90 -2.44 42.80
CA VAL D 66 33.35 -3.67 43.43
C VAL D 66 32.39 -4.11 44.51
N GLU D 67 31.86 -3.16 45.30
CA GLU D 67 30.84 -3.48 46.28
C GLU D 67 29.61 -4.08 45.60
N ALA D 68 29.20 -3.50 44.47
CA ALA D 68 28.07 -4.04 43.73
C ALA D 68 28.37 -5.43 43.19
N ALA D 69 29.58 -5.63 42.65
CA ALA D 69 29.94 -6.94 42.10
C ALA D 69 30.01 -8.00 43.19
N GLU D 70 30.56 -7.65 44.35
CA GLU D 70 30.68 -8.60 45.45
C GLU D 70 29.39 -8.68 46.25
N GLY D 90 17.26 -4.55 38.62
CA GLY D 90 17.14 -5.00 39.99
C GLY D 90 17.18 -3.87 40.99
N SER D 91 16.76 -4.16 42.23
CA SER D 91 16.74 -3.13 43.27
C SER D 91 18.13 -2.57 43.53
N SER D 92 19.11 -3.47 43.70
CA SER D 92 20.48 -3.01 43.80
C SER D 92 20.95 -2.40 42.49
N ASP D 93 20.52 -2.95 41.36
CA ASP D 93 20.89 -2.37 40.06
C ASP D 93 20.39 -0.94 39.94
N GLU D 94 19.13 -0.69 40.31
CA GLU D 94 18.60 0.65 40.19
C GLU D 94 19.16 1.59 41.26
N ASP D 95 19.50 1.08 42.44
CA ASP D 95 20.19 1.89 43.43
C ASP D 95 21.56 2.32 42.90
N LEU D 96 22.30 1.39 42.30
CA LEU D 96 23.57 1.74 41.70
C LEU D 96 23.38 2.73 40.57
N LYS D 97 22.32 2.56 39.78
CA LYS D 97 22.06 3.48 38.67
C LYS D 97 21.78 4.90 39.16
N THR D 98 20.98 5.04 40.24
CA THR D 98 20.71 6.38 40.76
C THR D 98 21.95 6.95 41.44
N TRP D 99 22.80 6.09 42.00
CA TRP D 99 24.08 6.58 42.52
C TRP D 99 24.96 7.12 41.40
N ASP D 100 24.98 6.43 40.26
CA ASP D 100 25.66 6.97 39.09
C ASP D 100 25.06 8.30 38.67
N SER D 101 23.73 8.39 38.69
CA SER D 101 23.08 9.63 38.30
C SER D 101 23.48 10.77 39.22
N GLU D 102 23.63 10.49 40.51
CA GLU D 102 24.08 11.50 41.46
C GLU D 102 25.54 11.87 41.23
N PHE D 103 26.38 10.88 40.94
CA PHE D 103 27.81 11.12 40.81
C PHE D 103 28.14 11.88 39.53
N ILE D 104 27.41 11.62 38.44
CA ILE D 104 27.60 12.31 37.17
C ILE D 104 27.31 13.80 37.26
N LYS D 105 26.59 14.25 38.29
CA LYS D 105 26.28 15.68 38.43
C LYS D 105 27.56 16.42 38.80
N VAL D 106 28.35 16.74 37.77
CA VAL D 106 29.56 17.53 37.91
C VAL D 106 29.68 18.44 36.69
N ASP D 107 30.53 19.45 36.79
CA ASP D 107 30.59 20.51 35.79
C ASP D 107 31.32 20.03 34.53
N GLN D 108 31.59 20.96 33.61
CA GLN D 108 32.10 20.60 32.29
C GLN D 108 33.54 20.12 32.37
N GLY D 109 34.41 20.84 33.08
CA GLY D 109 35.79 20.43 33.20
C GLY D 109 35.94 19.09 33.89
N THR D 110 35.10 18.84 34.90
CA THR D 110 35.14 17.55 35.59
C THR D 110 34.77 16.41 34.64
N LEU D 111 33.77 16.62 33.79
CA LEU D 111 33.40 15.59 32.82
C LEU D 111 34.51 15.38 31.79
N PHE D 112 35.14 16.47 31.34
CA PHE D 112 36.28 16.36 30.45
C PHE D 112 37.38 15.49 31.08
N ASP D 113 37.74 15.80 32.31
CA ASP D 113 38.81 15.06 32.97
C ASP D 113 38.41 13.62 33.23
N LEU D 114 37.13 13.38 33.53
CA LEU D 114 36.67 12.01 33.70
C LEU D 114 36.80 11.21 32.42
N ILE D 115 36.47 11.83 31.27
CA ILE D 115 36.65 11.14 30.00
C ILE D 115 38.12 10.84 29.76
N LEU D 116 38.99 11.82 30.01
CA LEU D 116 40.43 11.58 29.86
C LEU D 116 40.88 10.39 30.70
N ALA D 117 40.51 10.39 31.98
CA ALA D 117 40.98 9.35 32.88
C ALA D 117 40.42 7.99 32.49
N ALA D 118 39.15 7.94 32.09
CA ALA D 118 38.55 6.67 31.70
C ALA D 118 39.23 6.11 30.45
N ASN D 119 39.54 6.98 29.49
CA ASN D 119 40.25 6.51 28.30
C ASN D 119 41.67 6.05 28.64
N TYR D 120 42.36 6.79 29.51
CA TYR D 120 43.73 6.48 29.84
C TYR D 120 43.83 5.15 30.59
N LEU D 121 42.99 4.97 31.61
CA LEU D 121 43.07 3.82 32.50
C LEU D 121 42.27 2.63 32.01
N ASN D 122 41.63 2.73 30.84
CA ASN D 122 40.96 1.60 30.20
C ASN D 122 39.86 1.01 31.08
N ILE D 123 38.93 1.88 31.49
CA ILE D 123 37.76 1.49 32.27
C ILE D 123 36.55 1.60 31.35
N LYS D 124 35.86 0.48 31.13
CA LYS D 124 34.74 0.48 30.21
C LYS D 124 33.53 1.18 30.82
N GLY D 125 33.21 0.89 32.08
CA GLY D 125 31.98 1.40 32.66
C GLY D 125 31.97 2.91 32.83
N LEU D 126 33.07 3.46 33.34
CA LEU D 126 33.12 4.91 33.57
C LEU D 126 33.08 5.67 32.26
N LEU D 127 33.83 5.19 31.26
CA LEU D 127 33.81 5.83 29.96
C LEU D 127 32.41 5.77 29.36
N ASP D 128 31.75 4.62 29.46
CA ASP D 128 30.39 4.50 28.92
C ASP D 128 29.42 5.42 29.61
N LEU D 129 29.52 5.55 30.94
CA LEU D 129 28.61 6.43 31.67
C LEU D 129 28.83 7.90 31.29
N THR D 130 30.09 8.34 31.24
CA THR D 130 30.33 9.73 30.89
C THR D 130 29.94 10.00 29.44
N CYS D 131 30.10 8.98 28.58
CA CYS D 131 29.67 9.11 27.19
C CYS D 131 28.16 9.23 27.08
N GLN D 132 27.40 8.44 27.85
CA GLN D 132 25.95 8.58 27.81
C GLN D 132 25.54 9.94 28.34
N THR D 133 26.26 10.46 29.33
CA THR D 133 25.95 11.79 29.84
C THR D 133 26.13 12.85 28.75
N VAL D 134 27.29 12.84 28.08
CA VAL D 134 27.53 13.87 27.07
C VAL D 134 26.59 13.68 25.88
N ALA D 135 26.25 12.42 25.56
CA ALA D 135 25.30 12.18 24.48
C ALA D 135 23.93 12.77 24.81
N ASP D 136 23.49 12.62 26.06
CA ASP D 136 22.24 13.25 26.48
C ASP D 136 22.36 14.77 26.42
N MET D 137 23.53 15.31 26.76
CA MET D 137 23.71 16.76 26.69
C MET D 137 23.62 17.27 25.25
N ILE D 138 24.21 16.55 24.29
CA ILE D 138 24.20 17.01 22.91
C ILE D 138 22.89 16.72 22.20
N LYS D 139 21.97 15.99 22.83
CA LYS D 139 20.64 15.86 22.26
C LYS D 139 19.93 17.19 22.45
N GLY D 140 20.34 18.19 21.66
CA GLY D 140 19.92 19.55 21.85
C GLY D 140 19.29 20.12 20.59
N LYS D 141 19.39 21.43 20.48
CA LYS D 141 18.67 22.20 19.46
C LYS D 141 19.54 22.36 18.21
N THR D 142 19.16 23.29 17.35
CA THR D 142 19.84 23.71 16.14
C THR D 142 21.32 23.96 16.41
N PRO D 143 22.19 23.95 15.38
CA PRO D 143 23.63 23.90 15.66
C PRO D 143 24.14 25.09 16.44
N GLU D 144 23.41 26.20 16.46
CA GLU D 144 23.82 27.31 17.30
C GLU D 144 23.87 26.90 18.76
N GLU D 145 22.90 26.11 19.21
CA GLU D 145 22.89 25.69 20.61
C GLU D 145 24.06 24.77 20.93
N ILE D 146 24.32 23.77 20.07
CA ILE D 146 25.44 22.87 20.32
C ILE D 146 26.75 23.62 20.29
N ARG D 147 26.93 24.53 19.34
CA ARG D 147 28.17 25.28 19.25
C ARG D 147 28.29 26.34 20.33
N LYS D 148 27.19 26.69 21.00
CA LYS D 148 27.25 27.69 22.06
C LYS D 148 27.44 27.08 23.44
N THR D 149 26.80 25.94 23.73
CA THR D 149 26.98 25.32 25.04
C THR D 149 28.39 24.77 25.21
N PHE D 150 28.98 24.24 24.15
CA PHE D 150 30.32 23.66 24.21
C PHE D 150 31.40 24.65 23.82
N ASN D 151 31.04 25.89 23.50
CA ASN D 151 31.98 26.90 23.04
C ASN D 151 32.75 26.46 21.80
N ILE D 152 32.19 25.50 21.05
CA ILE D 152 32.81 25.05 19.82
C ILE D 152 32.76 26.20 18.81
N LYS D 153 33.90 26.49 18.19
CA LYS D 153 34.00 27.58 17.21
C LYS D 153 34.09 26.96 15.82
N ASN D 154 33.02 27.09 15.05
CA ASN D 154 33.03 26.60 13.68
C ASN D 154 33.61 27.65 12.74
N ASP D 155 34.31 27.18 11.72
CA ASP D 155 34.91 28.04 10.71
C ASP D 155 34.57 27.55 9.32
N PHE D 156 33.34 27.07 9.13
CA PHE D 156 32.93 26.58 7.83
C PHE D 156 32.95 27.70 6.79
N THR D 157 33.66 27.45 5.70
CA THR D 157 33.59 28.31 4.53
C THR D 157 32.19 28.22 3.92
N PRO D 158 31.60 29.36 3.54
CA PRO D 158 30.14 29.33 3.33
C PRO D 158 29.68 28.41 2.22
N GLU D 159 30.52 28.13 1.23
CA GLU D 159 30.24 27.02 0.32
C GLU D 159 30.08 25.73 1.09
N GLU D 160 31.04 25.44 1.99
CA GLU D 160 30.99 24.20 2.76
C GLU D 160 29.86 24.24 3.77
N GLU D 161 29.62 25.38 4.41
CA GLU D 161 28.52 25.48 5.36
C GLU D 161 27.19 25.19 4.68
N GLU D 162 26.93 25.87 3.56
CA GLU D 162 25.69 25.65 2.84
C GLU D 162 25.59 24.23 2.32
N GLU D 163 26.69 23.68 1.79
CA GLU D 163 26.65 22.33 1.24
C GLU D 163 26.38 21.30 2.34
N VAL D 164 27.00 21.47 3.52
CA VAL D 164 26.73 20.56 4.62
C VAL D 164 25.31 20.72 5.12
N ARG D 165 24.74 21.92 4.98
CA ARG D 165 23.33 22.09 5.36
C ARG D 165 22.41 21.37 4.37
N ARG D 166 22.71 21.43 3.08
CA ARG D 166 21.84 20.78 2.10
C ARG D 166 21.98 19.26 2.12
N GLU D 167 23.20 18.75 2.30
CA GLU D 167 23.39 17.31 2.22
C GLU D 167 22.72 16.59 3.38
N ASN D 168 22.39 17.30 4.46
CA ASN D 168 21.64 16.74 5.58
C ASN D 168 20.29 17.42 5.74
N GLN D 169 19.65 17.77 4.61
CA GLN D 169 18.40 18.53 4.67
C GLN D 169 17.26 17.72 5.26
N TRP D 170 17.30 16.39 5.12
CA TRP D 170 16.22 15.56 5.65
C TRP D 170 16.04 15.76 7.14
N ALA D 171 17.12 16.00 7.88
CA ALA D 171 17.00 16.23 9.32
C ALA D 171 16.37 17.57 9.61
N PHE D 172 16.68 18.59 8.81
CA PHE D 172 16.17 19.93 9.04
C PHE D 172 14.73 20.04 8.59
O71 GA3 E . -18.46 -5.73 11.25
C7 GA3 E . -18.96 -6.56 11.98
O72 GA3 E . -19.46 -6.34 13.07
C6 GA3 E . -18.96 -8.00 11.49
C5 GA3 E . -18.54 -8.17 10.00
C8 GA3 E . -17.94 -8.90 12.25
C15 GA3 E . -16.66 -8.17 12.69
C16 GA3 E . -16.05 -9.12 13.71
C17 GA3 E . -14.86 -9.02 14.26
C13 GA3 E . -17.06 -10.23 14.01
C14 GA3 E . -18.39 -9.57 13.55
O13 GA3 E . -17.04 -10.60 15.38
C12 GA3 E . -16.78 -11.46 13.12
C11 GA3 E . -17.54 -11.41 11.80
C9 GA3 E . -17.53 -10.00 11.21
C10 GA3 E . -18.43 -9.71 9.98
O92 GA3 E . -19.82 -10.14 10.08
C1 GA3 E . -17.91 -10.24 8.65
C2 GA3 E . -18.25 -9.59 7.55
C3 GA3 E . -19.12 -8.37 7.55
O31 GA3 E . -18.35 -7.26 7.12
C4 GA3 E . -19.66 -8.09 8.96
C18 GA3 E . -20.48 -6.79 8.97
C19 GA3 E . -20.56 -9.23 9.42
O91 GA3 E . -21.75 -9.35 9.30
#